data_9NWU
#
_entry.id   9NWU
#
_cell.length_a   57.355
_cell.length_b   141.779
_cell.length_c   60.651
_cell.angle_alpha   90.000
_cell.angle_beta   90.760
_cell.angle_gamma   90.000
#
_symmetry.space_group_name_H-M   'P 1 21 1'
#
loop_
_entity.id
_entity.type
_entity.pdbx_description
1 polymer Diabody
2 non-polymer '2-[N-CYCLOHEXYLAMINO]ETHANE SULFONIC ACID'
3 non-polymer 'CHLORIDE ION'
4 non-polymer 'SULFATE ION'
5 non-polymer 'SODIUM ION'
6 water water
#
_entity_poly.entity_id   1
_entity_poly.type   'polypeptide(L)'
_entity_poly.pdbx_seq_one_letter_code
;DIQMTQSPSSLSASVGDRVTITCRASQSVSSAVAWYQQKPGKAPKLLIYSASSLYSGVPSRFSGSRSGTDFTLTISSLQP
EDFATYYCQQSSYSLITFGQGTKVEIKGGGGGEVQLVESGGGLVQPGGSLRLSCAASGFNLRSYYMHWVRQAPGKGLEWV
ASISPYYSYTYYADSVKGRFTISADTSKNTAYLQMNSLRAEDTAVYYCARHGYGAMDYWGQGTLVTVSS
;
_entity_poly.pdbx_strand_id   C,D,A,B
#
loop_
_chem_comp.id
_chem_comp.type
_chem_comp.name
_chem_comp.formula
CL non-polymer 'CHLORIDE ION' 'Cl -1'
NA non-polymer 'SODIUM ION' 'Na 1'
NHE non-polymer '2-[N-CYCLOHEXYLAMINO]ETHANE SULFONIC ACID' 'C8 H17 N O3 S'
SO4 non-polymer 'SULFATE ION' 'O4 S -2'
#
# COMPACT_ATOMS: atom_id res chain seq x y z
N ASP A 1 -0.37 -33.83 1.39
CA ASP A 1 -0.98 -34.09 0.09
C ASP A 1 -1.92 -32.97 -0.36
N ILE A 2 -1.85 -31.79 0.29
CA ILE A 2 -2.70 -30.65 -0.04
C ILE A 2 -1.87 -29.36 0.04
N GLN A 3 -2.22 -28.40 -0.81
CA GLN A 3 -1.58 -27.08 -0.79
C GLN A 3 -2.52 -26.04 -1.37
N MET A 4 -2.69 -24.91 -0.68
CA MET A 4 -3.60 -23.86 -1.11
C MET A 4 -2.87 -22.54 -1.35
N THR A 5 -3.13 -21.94 -2.49
CA THR A 5 -2.54 -20.66 -2.87
C THR A 5 -3.69 -19.66 -2.97
N GLN A 6 -3.64 -18.65 -2.13
CA GLN A 6 -4.70 -17.67 -1.97
C GLN A 6 -4.32 -16.36 -2.64
N SER A 7 -5.27 -15.78 -3.37
CA SER A 7 -5.08 -14.52 -4.08
C SER A 7 -6.38 -13.72 -4.11
N PRO A 8 -6.30 -12.39 -4.07
CA PRO A 8 -5.11 -11.55 -3.88
C PRO A 8 -4.66 -11.55 -2.43
N SER A 9 -3.47 -11.05 -2.13
CA SER A 9 -3.05 -10.97 -0.74
C SER A 9 -3.68 -9.78 -0.02
N SER A 10 -4.08 -8.75 -0.76
CA SER A 10 -4.87 -7.67 -0.19
C SER A 10 -5.60 -6.95 -1.31
N LEU A 11 -6.66 -6.25 -0.92
CA LEU A 11 -7.42 -5.48 -1.88
C LEU A 11 -8.14 -4.34 -1.15
N SER A 12 -8.32 -3.23 -1.85
CA SER A 12 -9.08 -2.10 -1.32
C SER A 12 -10.30 -1.90 -2.19
N ALA A 13 -11.48 -1.97 -1.59
CA ALA A 13 -12.75 -1.71 -2.29
C ALA A 13 -13.62 -0.77 -1.45
N SER A 14 -14.75 -0.39 -2.03
CA SER A 14 -15.69 0.51 -1.37
C SER A 14 -16.92 -0.25 -0.89
N VAL A 15 -17.66 0.39 0.01
CA VAL A 15 -18.89 -0.17 0.54
C VAL A 15 -19.86 -0.48 -0.60
N GLY A 16 -20.46 -1.67 -0.55
CA GLY A 16 -21.38 -2.12 -1.58
C GLY A 16 -20.74 -2.90 -2.72
N ASP A 17 -19.42 -2.83 -2.85
CA ASP A 17 -18.72 -3.52 -3.93
C ASP A 17 -18.86 -5.03 -3.81
N ARG A 18 -18.68 -5.71 -4.94
CA ARG A 18 -18.58 -7.15 -4.96
C ARG A 18 -17.10 -7.54 -4.97
N VAL A 19 -16.73 -8.43 -4.06
CA VAL A 19 -15.34 -8.82 -3.84
C VAL A 19 -15.27 -10.32 -3.97
N THR A 20 -14.29 -10.82 -4.74
CA THR A 20 -14.03 -12.25 -4.80
C THR A 20 -12.60 -12.56 -4.37
N ILE A 21 -12.45 -13.62 -3.58
CA ILE A 21 -11.16 -14.13 -3.13
C ILE A 21 -11.06 -15.57 -3.58
N THR A 22 -9.92 -15.95 -4.14
CA THR A 22 -9.73 -17.28 -4.71
C THR A 22 -8.66 -18.04 -3.92
N CYS A 23 -8.85 -19.36 -3.83
CA CYS A 23 -7.83 -20.26 -3.30
C CYS A 23 -7.70 -21.42 -4.28
N ARG A 24 -6.51 -21.62 -4.82
CA ARG A 24 -6.26 -22.69 -5.78
C ARG A 24 -5.61 -23.87 -5.07
N ALA A 25 -6.24 -25.05 -5.19
CA ALA A 25 -5.70 -26.27 -4.61
C ALA A 25 -4.83 -26.96 -5.66
N SER A 26 -3.53 -27.03 -5.38
CA SER A 26 -2.53 -27.46 -6.34
C SER A 26 -2.09 -28.92 -6.18
N GLN A 27 -2.60 -29.62 -5.16
CA GLN A 27 -2.42 -31.07 -4.97
C GLN A 27 -3.81 -31.70 -4.89
N SER A 28 -3.96 -32.79 -4.15
CA SER A 28 -5.28 -33.37 -3.87
C SER A 28 -6.35 -32.29 -3.71
N VAL A 29 -7.49 -32.51 -4.36
CA VAL A 29 -8.64 -31.61 -4.30
C VAL A 29 -9.82 -32.39 -3.73
N SER A 30 -10.54 -31.76 -2.81
CA SER A 30 -11.82 -32.26 -2.31
C SER A 30 -12.67 -31.07 -1.92
N SER A 31 -13.91 -31.32 -1.51
CA SER A 31 -14.82 -30.26 -1.06
C SER A 31 -14.62 -29.88 0.39
N ALA A 32 -13.61 -30.42 1.07
CA ALA A 32 -13.40 -30.15 2.49
C ALA A 32 -12.64 -28.84 2.66
N VAL A 33 -13.30 -27.75 2.26
CA VAL A 33 -12.70 -26.42 2.25
C VAL A 33 -13.57 -25.45 3.04
N ALA A 34 -12.92 -24.65 3.88
CA ALA A 34 -13.64 -23.70 4.72
C ALA A 34 -13.04 -22.31 4.57
N TRP A 35 -13.86 -21.31 4.87
CA TRP A 35 -13.46 -19.90 4.82
C TRP A 35 -13.65 -19.27 6.20
N TYR A 36 -12.68 -18.45 6.61
CA TYR A 36 -12.68 -17.79 7.90
C TYR A 36 -12.49 -16.29 7.72
N GLN A 37 -13.00 -15.52 8.68
CA GLN A 37 -12.79 -14.08 8.75
C GLN A 37 -12.07 -13.76 10.06
N GLN A 38 -11.01 -12.95 9.98
CA GLN A 38 -10.27 -12.55 11.19
C GLN A 38 -10.15 -11.04 11.26
N LYS A 39 -10.69 -10.45 12.32
CA LYS A 39 -10.53 -9.03 12.59
C LYS A 39 -9.27 -8.76 13.38
N PRO A 40 -8.72 -7.55 13.27
CA PRO A 40 -7.42 -7.27 13.91
C PRO A 40 -7.49 -7.50 15.41
N GLY A 41 -6.62 -8.38 15.90
CA GLY A 41 -6.57 -8.65 17.32
C GLY A 41 -7.48 -9.77 17.81
N LYS A 42 -8.28 -10.36 16.95
CA LYS A 42 -9.22 -11.38 17.37
C LYS A 42 -8.90 -12.70 16.68
N ALA A 43 -9.51 -13.76 17.19
CA ALA A 43 -9.38 -15.09 16.60
C ALA A 43 -10.24 -15.19 15.35
N PRO A 44 -9.94 -16.16 14.46
CA PRO A 44 -10.77 -16.35 13.27
C PRO A 44 -12.19 -16.79 13.60
N LYS A 45 -13.11 -16.49 12.68
CA LYS A 45 -14.50 -16.91 12.79
C LYS A 45 -14.86 -17.65 11.50
N LEU A 46 -15.51 -18.81 11.64
CA LEU A 46 -15.89 -19.61 10.50
C LEU A 46 -16.98 -18.92 9.69
N LEU A 47 -16.81 -18.87 8.36
CA LEU A 47 -17.84 -18.34 7.47
C LEU A 47 -18.58 -19.42 6.71
N ILE A 48 -17.84 -20.38 6.16
CA ILE A 48 -18.32 -21.35 5.18
C ILE A 48 -17.54 -22.65 5.38
N TYR A 49 -18.23 -23.77 5.25
CA TYR A 49 -17.66 -25.10 5.36
C TYR A 49 -18.14 -25.94 4.19
N SER A 50 -17.44 -27.05 3.95
CA SER A 50 -17.74 -27.93 2.81
C SER A 50 -17.80 -27.13 1.52
N ALA A 51 -16.92 -26.13 1.43
CA ALA A 51 -16.66 -25.30 0.27
C ALA A 51 -17.80 -24.34 -0.08
N SER A 52 -19.05 -24.66 0.30
CA SER A 52 -20.16 -23.83 -0.13
C SER A 52 -21.28 -23.69 0.90
N SER A 53 -21.15 -24.26 2.08
CA SER A 53 -22.26 -24.21 3.05
C SER A 53 -22.10 -23.01 3.96
N LEU A 54 -23.16 -22.22 4.10
CA LEU A 54 -23.12 -21.06 4.99
C LEU A 54 -23.21 -21.48 6.44
N TYR A 55 -22.26 -21.03 7.26
CA TYR A 55 -22.28 -21.34 8.68
C TYR A 55 -23.40 -20.58 9.38
N SER A 56 -24.03 -21.24 10.36
CA SER A 56 -25.20 -20.66 11.01
C SER A 56 -24.84 -19.32 11.64
N GLY A 57 -25.66 -18.31 11.38
CA GLY A 57 -25.45 -16.97 11.90
C GLY A 57 -24.69 -16.04 10.97
N VAL A 58 -23.97 -16.58 9.98
CA VAL A 58 -23.18 -15.79 9.05
C VAL A 58 -24.09 -15.09 8.04
N PRO A 59 -23.88 -13.82 7.72
CA PRO A 59 -24.79 -13.12 6.80
C PRO A 59 -24.75 -13.71 5.39
N SER A 60 -25.85 -13.52 4.68
CA SER A 60 -26.08 -14.19 3.40
C SER A 60 -25.29 -13.57 2.24
N ARG A 61 -24.65 -12.42 2.43
CA ARG A 61 -23.83 -11.88 1.36
C ARG A 61 -22.50 -12.58 1.22
N PHE A 62 -22.15 -13.44 2.17
CA PHE A 62 -21.00 -14.31 2.03
C PHE A 62 -21.45 -15.62 1.39
N SER A 63 -20.69 -16.09 0.39
CA SER A 63 -20.96 -17.38 -0.23
C SER A 63 -19.66 -17.97 -0.80
N GLY A 64 -19.67 -19.30 -0.94
CA GLY A 64 -18.49 -20.00 -1.39
C GLY A 64 -18.81 -20.97 -2.51
N SER A 65 -17.85 -21.13 -3.41
CA SER A 65 -18.03 -21.96 -4.60
C SER A 65 -16.75 -22.73 -4.88
N ARG A 66 -16.91 -23.83 -5.59
CA ARG A 66 -15.79 -24.60 -6.12
C ARG A 66 -15.96 -24.77 -7.61
N SER A 67 -14.90 -24.48 -8.37
CA SER A 67 -14.86 -24.80 -9.80
C SER A 67 -13.49 -25.44 -10.04
N GLY A 68 -13.49 -26.76 -10.20
CA GLY A 68 -12.23 -27.47 -10.43
C GLY A 68 -11.31 -27.34 -9.24
N THR A 69 -10.09 -26.91 -9.50
CA THR A 69 -9.15 -26.67 -8.41
C THR A 69 -9.38 -25.34 -7.69
N ASP A 70 -10.32 -24.51 -8.14
CA ASP A 70 -10.44 -23.14 -7.61
C ASP A 70 -11.64 -23.02 -6.67
N PHE A 71 -11.37 -22.58 -5.45
CA PHE A 71 -12.39 -22.28 -4.46
C PHE A 71 -12.50 -20.77 -4.29
N THR A 72 -13.73 -20.26 -4.32
CA THR A 72 -13.92 -18.82 -4.34
C THR A 72 -14.84 -18.39 -3.21
N LEU A 73 -14.44 -17.37 -2.46
CA LEU A 73 -15.30 -16.66 -1.52
C LEU A 73 -15.76 -15.36 -2.16
N THR A 74 -17.07 -15.13 -2.18
CA THR A 74 -17.65 -13.93 -2.75
C THR A 74 -18.33 -13.15 -1.64
N ILE A 75 -17.96 -11.88 -1.49
CA ILE A 75 -18.69 -10.95 -0.62
C ILE A 75 -19.45 -10.03 -1.57
N SER A 76 -20.78 -10.19 -1.60
CA SER A 76 -21.53 -9.60 -2.71
C SER A 76 -21.65 -8.08 -2.60
N SER A 77 -21.96 -7.56 -1.41
CA SER A 77 -22.11 -6.12 -1.21
C SER A 77 -21.33 -5.75 0.06
N LEU A 78 -20.08 -5.34 -0.13
CA LEU A 78 -19.14 -5.10 0.94
C LEU A 78 -19.69 -4.10 1.96
N GLN A 79 -19.66 -4.46 3.24
CA GLN A 79 -20.13 -3.63 4.34
C GLN A 79 -18.96 -3.21 5.23
N PRO A 80 -19.07 -2.07 5.93
CA PRO A 80 -17.92 -1.60 6.73
C PRO A 80 -17.40 -2.62 7.74
N GLU A 81 -18.26 -3.47 8.29
CA GLU A 81 -17.79 -4.46 9.24
C GLU A 81 -17.10 -5.65 8.59
N ASP A 82 -17.09 -5.71 7.25
CA ASP A 82 -16.50 -6.82 6.50
C ASP A 82 -14.99 -6.69 6.38
N PHE A 83 -14.43 -5.57 6.82
CA PHE A 83 -13.04 -5.29 6.55
C PHE A 83 -12.19 -6.01 7.60
N ALA A 84 -11.37 -6.93 7.12
CA ALA A 84 -10.80 -7.99 7.91
C ALA A 84 -9.87 -8.77 6.99
N THR A 85 -9.23 -9.78 7.56
CA THR A 85 -8.41 -10.71 6.78
C THR A 85 -9.14 -12.03 6.64
N TYR A 86 -9.19 -12.58 5.43
CA TYR A 86 -9.96 -13.77 5.14
C TYR A 86 -9.02 -14.92 4.79
N TYR A 87 -9.29 -16.11 5.34
CA TYR A 87 -8.47 -17.28 5.08
C TYR A 87 -9.30 -18.46 4.58
N CYS A 88 -8.76 -19.18 3.60
CA CYS A 88 -9.29 -20.47 3.21
C CYS A 88 -8.52 -21.56 3.95
N GLN A 89 -9.19 -22.68 4.19
CA GLN A 89 -8.59 -23.88 4.77
C GLN A 89 -8.98 -25.08 3.94
N GLN A 90 -8.04 -25.99 3.73
CA GLN A 90 -8.31 -27.29 3.10
C GLN A 90 -7.86 -28.41 4.02
N SER A 91 -8.65 -29.49 4.06
CA SER A 91 -8.40 -30.65 4.90
C SER A 91 -8.33 -31.88 4.00
N SER A 92 -7.36 -32.72 4.27
CA SER A 92 -7.27 -34.08 3.75
C SER A 92 -7.54 -35.04 4.90
N TYR A 93 -7.32 -36.33 4.67
CA TYR A 93 -7.51 -37.26 5.76
C TYR A 93 -6.36 -37.23 6.74
N SER A 94 -5.23 -36.58 6.39
CA SER A 94 -4.02 -36.58 7.22
C SER A 94 -3.48 -35.20 7.54
N LEU A 95 -3.92 -34.15 6.85
CA LEU A 95 -3.28 -32.83 6.96
C LEU A 95 -4.34 -31.76 6.86
N ILE A 96 -3.99 -30.59 7.40
CA ILE A 96 -4.78 -29.38 7.24
C ILE A 96 -3.82 -28.30 6.75
N THR A 97 -4.29 -27.45 5.85
CA THR A 97 -3.49 -26.31 5.44
C THR A 97 -4.37 -25.09 5.29
N PHE A 98 -3.75 -23.92 5.37
CA PHE A 98 -4.42 -22.64 5.17
C PHE A 98 -3.81 -21.90 4.00
N GLY A 99 -4.67 -21.21 3.24
CA GLY A 99 -4.18 -20.19 2.35
C GLY A 99 -3.53 -19.05 3.12
N GLN A 100 -2.85 -18.19 2.37
CA GLN A 100 -2.01 -17.15 2.96
C GLN A 100 -2.81 -15.96 3.48
N GLY A 101 -4.09 -15.87 3.17
CA GLY A 101 -4.89 -14.77 3.70
C GLY A 101 -5.04 -13.62 2.71
N THR A 102 -6.18 -12.94 2.78
CA THR A 102 -6.44 -11.74 1.98
C THR A 102 -6.90 -10.62 2.91
N LYS A 103 -6.15 -9.52 2.94
CA LYS A 103 -6.58 -8.32 3.65
C LYS A 103 -7.58 -7.54 2.80
N VAL A 104 -8.76 -7.28 3.36
CA VAL A 104 -9.79 -6.50 2.66
C VAL A 104 -9.90 -5.15 3.37
N GLU A 105 -9.62 -4.06 2.64
CA GLU A 105 -9.47 -2.70 3.19
C GLU A 105 -10.53 -1.74 2.63
N ILE A 106 -10.92 -0.74 3.45
CA ILE A 106 -11.82 0.36 3.03
C ILE A 106 -11.17 1.26 1.98
N LYS A 107 -12.03 1.95 1.23
CA LYS A 107 -11.69 3.10 0.38
C LYS A 107 -10.58 2.80 -0.63
N GLU A 113 -15.73 14.20 -1.46
CA GLU A 113 -15.64 13.63 -0.11
C GLU A 113 -14.45 14.18 0.65
N VAL A 114 -14.68 14.49 1.92
CA VAL A 114 -13.62 15.01 2.78
C VAL A 114 -12.58 13.93 3.06
N GLN A 115 -11.31 14.32 3.04
CA GLN A 115 -10.23 13.36 3.23
C GLN A 115 -9.04 14.05 3.89
N LEU A 116 -8.38 13.30 4.77
CA LEU A 116 -7.17 13.72 5.45
C LEU A 116 -6.17 12.56 5.38
N VAL A 117 -4.95 12.86 4.96
CA VAL A 117 -3.89 11.87 4.85
C VAL A 117 -2.67 12.41 5.58
N GLU A 118 -2.27 11.72 6.64
CA GLU A 118 -1.04 12.05 7.36
C GLU A 118 0.13 11.28 6.75
N SER A 119 1.29 11.93 6.72
CA SER A 119 2.51 11.27 6.29
C SER A 119 3.66 11.80 7.12
N GLY A 120 4.81 11.18 6.98
CA GLY A 120 6.02 11.61 7.66
C GLY A 120 6.53 10.66 8.72
N GLY A 121 5.72 9.71 9.17
CA GLY A 121 6.12 8.84 10.27
C GLY A 121 7.23 7.87 9.88
N GLY A 122 7.83 7.26 10.89
CA GLY A 122 8.92 6.33 10.66
C GLY A 122 9.67 6.03 11.95
N LEU A 123 10.63 5.12 11.84
CA LEU A 123 11.49 4.81 12.97
C LEU A 123 12.58 5.87 13.03
N VAL A 124 12.67 6.60 14.14
CA VAL A 124 13.63 7.71 14.26
C VAL A 124 14.35 7.65 15.60
N GLN A 125 15.54 8.30 15.63
CA GLN A 125 16.49 8.37 16.73
C GLN A 125 16.06 9.44 17.74
N PRO A 126 16.27 9.21 19.04
CA PRO A 126 15.95 10.24 20.03
C PRO A 126 16.84 11.46 19.82
N GLY A 127 16.26 12.63 20.08
CA GLY A 127 16.99 13.87 20.02
C GLY A 127 16.88 14.61 18.70
N GLY A 128 16.50 13.92 17.62
CA GLY A 128 16.41 14.54 16.32
C GLY A 128 15.10 15.29 16.17
N SER A 129 14.83 15.72 14.93
N SER A 129 14.82 15.71 14.94
CA SER A 129 13.63 16.45 14.60
CA SER A 129 13.58 16.43 14.65
C SER A 129 12.87 15.74 13.48
C SER A 129 12.87 15.79 13.47
N LEU A 130 11.57 16.02 13.39
CA LEU A 130 10.75 15.35 12.39
C LEU A 130 9.56 16.24 12.04
N ARG A 131 9.24 16.31 10.75
CA ARG A 131 8.06 17.01 10.28
C ARG A 131 6.99 16.04 9.82
N LEU A 132 5.79 16.20 10.36
CA LEU A 132 4.61 15.45 9.94
C LEU A 132 3.74 16.33 9.06
N SER A 133 3.11 15.72 8.07
CA SER A 133 2.22 16.41 7.15
C SER A 133 0.83 15.80 7.19
N CYS A 134 -0.17 16.63 6.93
CA CYS A 134 -1.57 16.22 6.89
C CYS A 134 -2.18 16.89 5.67
N ALA A 135 -2.41 16.12 4.61
CA ALA A 135 -2.90 16.67 3.36
C ALA A 135 -4.41 16.53 3.32
N ALA A 136 -5.09 17.65 3.10
CA ALA A 136 -6.53 17.72 3.16
C ALA A 136 -7.14 17.83 1.76
N SER A 137 -8.26 17.15 1.57
N SER A 137 -8.27 17.16 1.56
CA SER A 137 -9.03 17.22 0.34
CA SER A 137 -9.01 17.28 0.32
C SER A 137 -10.50 17.32 0.69
C SER A 137 -10.49 17.28 0.65
N GLY A 138 -11.28 17.92 -0.22
CA GLY A 138 -12.70 18.07 -0.01
C GLY A 138 -13.11 19.29 0.80
N PHE A 139 -12.15 20.05 1.31
CA PHE A 139 -12.44 21.26 2.06
C PHE A 139 -11.18 22.10 2.10
N ASN A 140 -11.34 23.39 2.38
CA ASN A 140 -10.22 24.32 2.51
C ASN A 140 -9.86 24.41 3.99
N LEU A 141 -8.69 23.89 4.36
CA LEU A 141 -8.44 23.83 5.80
C LEU A 141 -8.10 25.19 6.39
N ARG A 142 -7.89 26.22 5.56
CA ARG A 142 -7.77 27.58 6.08
C ARG A 142 -9.00 27.99 6.89
N SER A 143 -10.17 27.48 6.52
CA SER A 143 -11.43 27.84 7.15
C SER A 143 -11.75 27.03 8.39
N TYR A 144 -10.90 26.10 8.80
CA TYR A 144 -11.18 25.22 9.92
C TYR A 144 -10.03 25.23 10.92
N TYR A 145 -10.37 25.05 12.19
CA TYR A 145 -9.37 24.60 13.15
C TYR A 145 -8.92 23.21 12.75
N MET A 146 -7.62 22.97 12.80
CA MET A 146 -7.08 21.64 12.58
C MET A 146 -6.37 21.21 13.84
N HIS A 147 -6.40 19.89 14.09
CA HIS A 147 -5.86 19.32 15.31
C HIS A 147 -4.87 18.21 15.00
N TRP A 148 -3.85 18.09 15.84
CA TRP A 148 -3.05 16.87 15.93
C TRP A 148 -3.37 16.21 17.26
N VAL A 149 -3.66 14.91 17.20
CA VAL A 149 -3.95 14.07 18.35
C VAL A 149 -3.13 12.80 18.19
N ARG A 150 -2.47 12.36 19.25
CA ARG A 150 -1.60 11.19 19.14
C ARG A 150 -2.04 10.11 20.11
N GLN A 151 -1.55 8.90 19.85
CA GLN A 151 -1.95 7.72 20.60
C GLN A 151 -0.76 6.77 20.69
N ALA A 152 -0.11 6.73 21.84
CA ALA A 152 0.97 5.77 22.06
C ALA A 152 0.43 4.34 22.04
N PRO A 153 1.27 3.36 21.68
CA PRO A 153 0.75 2.00 21.45
C PRO A 153 0.09 1.44 22.69
N GLY A 154 -1.13 0.94 22.51
CA GLY A 154 -1.92 0.42 23.61
C GLY A 154 -2.52 1.45 24.55
N LYS A 155 -2.31 2.74 24.33
CA LYS A 155 -2.75 3.78 25.26
C LYS A 155 -3.88 4.63 24.65
N GLY A 156 -4.24 5.71 25.36
CA GLY A 156 -5.36 6.54 24.98
C GLY A 156 -5.00 7.67 24.03
N LEU A 157 -6.04 8.43 23.64
CA LEU A 157 -5.87 9.64 22.85
C LEU A 157 -5.32 10.78 23.70
N GLU A 158 -4.35 11.50 23.16
CA GLU A 158 -3.75 12.66 23.80
C GLU A 158 -3.70 13.82 22.81
N TRP A 159 -4.45 14.90 23.10
CA TRP A 159 -4.39 16.08 22.25
C TRP A 159 -2.99 16.67 22.28
N VAL A 160 -2.50 17.11 21.12
CA VAL A 160 -1.13 17.59 20.97
C VAL A 160 -1.09 19.07 20.64
N ALA A 161 -1.79 19.48 19.59
CA ALA A 161 -1.72 20.87 19.16
C ALA A 161 -2.94 21.20 18.28
N SER A 162 -3.30 22.47 18.26
CA SER A 162 -4.31 22.94 17.32
C SER A 162 -3.86 24.26 16.70
N ILE A 163 -4.38 24.54 15.52
CA ILE A 163 -4.11 25.79 14.82
C ILE A 163 -5.43 26.37 14.30
N SER A 164 -5.56 27.62 14.42
CA SER A 164 -6.83 28.27 14.17
C SER A 164 -7.00 28.65 12.69
N PRO A 165 -8.24 28.72 12.25
CA PRO A 165 -8.50 29.21 10.89
C PRO A 165 -8.10 30.68 10.72
N TYR A 166 -7.61 31.00 9.52
CA TYR A 166 -7.38 32.34 8.99
C TYR A 166 -6.29 33.17 9.67
N TYR A 167 -5.98 32.87 10.92
CA TYR A 167 -5.02 33.69 11.65
C TYR A 167 -3.91 32.86 12.24
N SER A 168 -3.99 31.54 12.14
CA SER A 168 -2.88 30.66 12.44
C SER A 168 -2.42 30.74 13.88
N TYR A 169 -3.32 31.13 14.80
CA TYR A 169 -3.00 31.05 16.22
C TYR A 169 -2.83 29.58 16.62
N THR A 170 -1.93 29.34 17.56
CA THR A 170 -1.58 27.97 17.91
C THR A 170 -1.83 27.71 19.38
N TYR A 171 -2.16 26.45 19.69
CA TYR A 171 -2.43 25.96 21.03
C TYR A 171 -1.73 24.62 21.17
N TYR A 172 -1.19 24.36 22.36
CA TYR A 172 -0.41 23.16 22.58
C TYR A 172 -0.73 22.54 23.92
N ALA A 173 -0.64 21.22 23.98
CA ALA A 173 -0.62 20.53 25.25
C ALA A 173 0.65 20.91 26.02
N ASP A 174 0.53 20.97 27.35
CA ASP A 174 1.70 21.26 28.17
C ASP A 174 2.83 20.27 27.89
N SER A 175 2.49 19.02 27.55
CA SER A 175 3.49 17.98 27.39
C SER A 175 4.41 18.21 26.19
N VAL A 176 3.99 19.03 25.23
CA VAL A 176 4.79 19.28 24.03
C VAL A 176 5.13 20.75 23.85
N LYS A 177 4.61 21.63 24.72
CA LYS A 177 4.88 23.06 24.61
C LYS A 177 6.38 23.33 24.58
N GLY A 178 6.79 24.16 23.62
CA GLY A 178 8.19 24.51 23.45
C GLY A 178 9.01 23.50 22.68
N ARG A 179 8.44 22.35 22.32
CA ARG A 179 9.10 21.32 21.53
C ARG A 179 8.44 21.11 20.17
N PHE A 180 7.10 21.17 20.10
CA PHE A 180 6.35 20.94 18.88
C PHE A 180 5.85 22.27 18.35
N THR A 181 5.84 22.45 17.03
CA THR A 181 5.20 23.61 16.42
C THR A 181 4.20 23.13 15.38
N ILE A 182 2.97 23.59 15.48
CA ILE A 182 1.96 23.28 14.47
C ILE A 182 1.90 24.45 13.50
N SER A 183 1.68 24.14 12.23
CA SER A 183 1.62 25.18 11.21
C SER A 183 0.80 24.67 10.03
N ALA A 184 0.62 25.54 9.03
CA ALA A 184 -0.16 25.14 7.87
C ALA A 184 0.25 25.97 6.66
N ASP A 185 0.09 25.35 5.50
CA ASP A 185 0.35 25.96 4.21
C ASP A 185 -0.99 26.00 3.49
N THR A 186 -1.64 27.16 3.49
CA THR A 186 -2.95 27.26 2.86
C THR A 186 -2.86 26.96 1.37
N SER A 187 -1.81 27.46 0.71
CA SER A 187 -1.64 27.22 -0.72
C SER A 187 -1.54 25.74 -1.03
N LYS A 188 -1.06 24.94 -0.09
CA LYS A 188 -0.91 23.51 -0.26
C LYS A 188 -2.00 22.72 0.44
N ASN A 189 -2.92 23.42 1.13
CA ASN A 189 -4.02 22.78 1.86
C ASN A 189 -3.50 21.67 2.76
N THR A 190 -2.39 21.96 3.43
CA THR A 190 -1.67 20.99 4.23
C THR A 190 -1.35 21.60 5.59
N ALA A 191 -1.55 20.82 6.63
CA ALA A 191 -1.14 21.18 7.98
C ALA A 191 0.11 20.39 8.33
N TYR A 192 0.93 20.96 9.24
CA TYR A 192 2.21 20.39 9.62
C TYR A 192 2.35 20.33 11.14
N LEU A 193 3.16 19.37 11.59
CA LEU A 193 3.60 19.29 12.98
C LEU A 193 5.11 19.12 12.95
N GLN A 194 5.83 20.12 13.48
CA GLN A 194 7.29 20.09 13.58
C GLN A 194 7.64 19.62 14.98
N MET A 195 8.23 18.43 15.08
CA MET A 195 8.58 17.84 16.37
C MET A 195 10.08 17.95 16.59
N ASN A 196 10.49 18.59 17.69
CA ASN A 196 11.90 18.75 18.05
C ASN A 196 12.23 17.90 19.28
N SER A 197 13.53 17.71 19.51
CA SER A 197 14.05 16.96 20.64
C SER A 197 13.21 15.72 20.94
N LEU A 198 13.10 14.87 19.91
CA LEU A 198 12.31 13.64 19.99
C LEU A 198 12.79 12.75 21.13
N ARG A 199 11.83 12.07 21.76
CA ARG A 199 12.09 11.24 22.93
C ARG A 199 11.07 10.11 22.94
N ALA A 200 11.28 9.15 23.86
CA ALA A 200 10.53 7.90 23.83
C ALA A 200 9.03 8.12 24.07
N GLU A 201 8.64 9.14 24.85
CA GLU A 201 7.22 9.38 25.04
C GLU A 201 6.53 9.84 23.76
N ASP A 202 7.30 10.30 22.77
CA ASP A 202 6.70 10.77 21.52
C ASP A 202 6.31 9.63 20.59
N THR A 203 6.70 8.40 20.89
CA THR A 203 6.32 7.24 20.10
C THR A 203 4.81 7.08 20.13
N ALA A 204 4.17 7.10 18.96
CA ALA A 204 2.72 7.15 18.88
C ALA A 204 2.29 7.15 17.42
N VAL A 205 1.02 6.79 17.20
CA VAL A 205 0.31 7.10 15.99
C VAL A 205 -0.17 8.54 16.07
N TYR A 206 0.14 9.34 15.05
CA TYR A 206 -0.22 10.76 15.04
C TYR A 206 -1.36 10.95 14.05
N TYR A 207 -2.49 11.43 14.56
CA TYR A 207 -3.69 11.71 13.78
C TYR A 207 -3.87 13.19 13.59
N CYS A 208 -4.24 13.59 12.37
N CYS A 208 -4.31 13.55 12.39
CA CYS A 208 -4.76 14.94 12.18
CA CYS A 208 -4.77 14.90 12.09
C CYS A 208 -6.27 14.85 12.04
C CYS A 208 -6.29 14.86 11.99
N ALA A 209 -6.96 15.83 12.60
CA ALA A 209 -8.41 15.85 12.61
C ALA A 209 -8.91 17.25 12.37
N ARG A 210 -10.08 17.33 11.73
CA ARG A 210 -10.72 18.60 11.40
C ARG A 210 -11.78 18.95 12.44
N HIS A 211 -11.76 20.22 12.86
CA HIS A 211 -12.73 20.72 13.82
C HIS A 211 -14.12 20.76 13.23
N GLY A 212 -15.10 20.38 14.06
CA GLY A 212 -16.49 20.69 13.80
C GLY A 212 -17.31 20.43 15.04
N TYR A 213 -18.22 21.34 15.37
CA TYR A 213 -19.20 21.15 16.45
C TYR A 213 -18.55 21.16 17.83
N GLY A 214 -17.48 21.91 18.04
CA GLY A 214 -16.74 21.78 19.29
C GLY A 214 -16.16 20.39 19.48
N ALA A 215 -15.89 19.69 18.39
CA ALA A 215 -15.44 18.31 18.41
C ALA A 215 -14.55 18.12 17.20
N MET A 216 -14.24 16.86 16.89
CA MET A 216 -13.39 16.52 15.75
C MET A 216 -14.16 15.55 14.86
N ASP A 217 -14.71 16.05 13.75
CA ASP A 217 -15.63 15.21 13.01
C ASP A 217 -14.95 14.36 11.95
N TYR A 218 -13.82 14.79 11.40
CA TYR A 218 -13.10 14.02 10.38
C TYR A 218 -11.68 13.78 10.84
N TRP A 219 -11.22 12.53 10.74
CA TRP A 219 -9.90 12.10 11.15
C TRP A 219 -9.16 11.43 9.99
N GLY A 220 -7.85 11.67 9.88
CA GLY A 220 -7.03 10.85 9.01
C GLY A 220 -6.82 9.45 9.58
N GLN A 221 -6.11 8.61 8.82
CA GLN A 221 -5.82 7.27 9.31
C GLN A 221 -4.62 7.23 10.24
N GLY A 222 -3.84 8.29 10.33
CA GLY A 222 -2.72 8.32 11.26
C GLY A 222 -1.42 7.84 10.64
N THR A 223 -0.31 8.36 11.18
CA THR A 223 1.03 7.95 10.79
C THR A 223 1.81 7.59 12.05
N LEU A 224 2.49 6.45 12.01
CA LEU A 224 3.21 5.92 13.17
C LEU A 224 4.60 6.54 13.26
N VAL A 225 4.93 7.09 14.42
CA VAL A 225 6.27 7.60 14.71
C VAL A 225 6.83 6.76 15.85
N THR A 226 7.96 6.08 15.60
CA THR A 226 8.59 5.23 16.60
C THR A 226 9.96 5.83 16.92
N VAL A 227 10.15 6.24 18.18
CA VAL A 227 11.39 6.88 18.62
C VAL A 227 12.23 5.85 19.34
N SER A 228 13.41 5.55 18.81
CA SER A 228 14.28 4.56 19.42
C SER A 228 15.75 4.80 19.09
N ASP B 1 -6.93 24.06 32.24
CA ASP B 1 -8.13 24.46 32.98
C ASP B 1 -9.25 23.44 32.82
N ILE B 2 -8.93 22.26 32.28
CA ILE B 2 -9.89 21.16 32.12
C ILE B 2 -9.20 19.83 32.40
N GLN B 3 -9.96 18.88 32.92
CA GLN B 3 -9.43 17.56 33.17
C GLN B 3 -10.60 16.58 33.26
N MET B 4 -10.50 15.46 32.54
CA MET B 4 -11.54 14.44 32.50
C MET B 4 -11.02 13.16 33.12
N THR B 5 -11.82 12.56 34.01
CA THR B 5 -11.52 11.25 34.55
C THR B 5 -12.62 10.30 34.09
N GLN B 6 -12.24 9.26 33.38
CA GLN B 6 -13.16 8.35 32.71
C GLN B 6 -13.21 7.02 33.45
N SER B 7 -14.41 6.44 33.58
CA SER B 7 -14.58 5.13 34.19
C SER B 7 -15.79 4.43 33.58
N PRO B 8 -15.80 3.09 33.55
CA PRO B 8 -14.72 2.20 33.99
C PRO B 8 -13.62 2.26 32.93
N SER B 9 -12.43 1.77 33.25
CA SER B 9 -11.40 1.63 32.21
C SER B 9 -11.74 0.51 31.23
N SER B 10 -12.48 -0.51 31.68
CA SER B 10 -13.01 -1.51 30.76
C SER B 10 -14.18 -2.22 31.42
N LEU B 11 -15.04 -2.80 30.57
CA LEU B 11 -16.18 -3.57 31.03
C LEU B 11 -16.48 -4.64 30.01
N SER B 12 -17.06 -5.74 30.48
CA SER B 12 -17.48 -6.86 29.64
C SER B 12 -19.00 -6.97 29.68
N ALA B 13 -19.61 -7.13 28.51
CA ALA B 13 -21.07 -7.15 28.43
C ALA B 13 -21.50 -7.99 27.24
N SER B 14 -22.81 -8.20 27.10
CA SER B 14 -23.34 -9.04 26.05
C SER B 14 -24.19 -8.20 25.11
N VAL B 15 -24.40 -8.73 23.91
CA VAL B 15 -25.32 -8.09 22.98
C VAL B 15 -26.69 -7.94 23.65
N GLY B 16 -27.32 -6.80 23.42
CA GLY B 16 -28.58 -6.48 24.07
C GLY B 16 -28.46 -5.79 25.42
N ASP B 17 -27.26 -5.67 25.97
CA ASP B 17 -27.07 -5.01 27.26
C ASP B 17 -27.15 -3.49 27.15
N ARG B 18 -27.71 -2.88 28.18
CA ARG B 18 -27.54 -1.45 28.38
C ARG B 18 -26.21 -1.21 29.09
N VAL B 19 -25.46 -0.23 28.60
CA VAL B 19 -24.09 0.03 29.02
C VAL B 19 -23.94 1.53 29.18
N THR B 20 -23.25 1.96 30.23
CA THR B 20 -23.05 3.38 30.50
C THR B 20 -21.59 3.62 30.84
N ILE B 21 -21.07 4.74 30.34
CA ILE B 21 -19.68 5.15 30.53
C ILE B 21 -19.69 6.60 31.01
N THR B 22 -18.83 6.90 31.99
CA THR B 22 -18.89 8.18 32.69
C THR B 22 -17.55 8.89 32.56
N CYS B 23 -17.62 10.22 32.36
CA CYS B 23 -16.46 11.09 32.46
C CYS B 23 -16.80 12.25 33.39
N ARG B 24 -15.96 12.47 34.39
CA ARG B 24 -16.11 13.53 35.38
C ARG B 24 -15.13 14.66 35.05
N ALA B 25 -15.65 15.84 34.77
CA ALA B 25 -14.83 17.03 34.61
C ALA B 25 -14.52 17.61 35.99
N SER B 26 -13.25 17.61 36.39
CA SER B 26 -12.85 18.01 37.74
C SER B 26 -12.40 19.47 37.84
N GLN B 27 -12.33 20.19 36.73
CA GLN B 27 -11.92 21.60 36.71
C GLN B 27 -13.06 22.35 36.02
N SER B 28 -12.80 23.48 35.36
CA SER B 28 -13.86 24.18 34.64
C SER B 28 -14.75 23.23 33.82
N VAL B 29 -16.04 23.54 33.74
CA VAL B 29 -17.04 22.66 33.15
C VAL B 29 -17.91 23.48 32.18
N SER B 30 -18.30 22.88 31.08
CA SER B 30 -19.21 23.46 30.10
C SER B 30 -19.89 22.33 29.35
N SER B 31 -20.69 22.67 28.34
CA SER B 31 -21.34 21.65 27.53
C SER B 31 -20.44 21.10 26.42
N ALA B 32 -19.21 21.60 26.30
CA ALA B 32 -18.35 21.26 25.17
C ALA B 32 -17.68 19.91 25.42
N VAL B 33 -18.51 18.86 25.44
CA VAL B 33 -18.05 17.49 25.68
C VAL B 33 -18.49 16.62 24.52
N ALA B 34 -17.56 15.80 24.01
CA ALA B 34 -17.87 14.92 22.90
C ALA B 34 -17.45 13.51 23.25
N TRP B 35 -18.06 12.55 22.55
CA TRP B 35 -17.79 11.12 22.72
C TRP B 35 -17.37 10.51 21.40
N TYR B 36 -16.35 9.63 21.45
CA TYR B 36 -15.83 8.98 20.25
C TYR B 36 -15.77 7.47 20.45
N GLN B 37 -15.94 6.74 19.35
CA GLN B 37 -15.75 5.30 19.29
C GLN B 37 -14.51 4.99 18.48
N GLN B 38 -13.70 4.02 18.93
CA GLN B 38 -12.53 3.62 18.15
C GLN B 38 -12.38 2.09 18.14
N LYS B 39 -12.22 1.53 16.95
CA LYS B 39 -11.96 0.11 16.74
C LYS B 39 -10.48 -0.15 16.51
N PRO B 40 -9.99 -1.35 16.80
CA PRO B 40 -8.55 -1.60 16.70
C PRO B 40 -8.01 -1.30 15.31
N GLY B 41 -6.91 -0.56 15.27
CA GLY B 41 -6.27 -0.23 14.01
C GLY B 41 -7.00 0.80 13.18
N LYS B 42 -7.99 1.50 13.73
CA LYS B 42 -8.73 2.52 12.98
C LYS B 42 -8.75 3.82 13.78
N ALA B 43 -9.10 4.91 13.09
CA ALA B 43 -9.17 6.22 13.72
C ALA B 43 -10.47 6.35 14.52
N PRO B 44 -10.48 7.23 15.54
CA PRO B 44 -11.74 7.50 16.25
C PRO B 44 -12.81 8.03 15.31
N LYS B 45 -14.07 7.72 15.65
CA LYS B 45 -15.24 8.26 14.99
C LYS B 45 -16.10 9.02 15.99
N LEU B 46 -16.60 10.18 15.57
CA LEU B 46 -17.40 11.04 16.43
C LEU B 46 -18.82 10.51 16.58
N LEU B 47 -19.29 10.40 17.83
CA LEU B 47 -20.62 9.93 18.17
C LEU B 47 -21.56 11.03 18.64
N ILE B 48 -21.12 11.80 19.64
CA ILE B 48 -21.95 12.78 20.34
C ILE B 48 -21.13 14.05 20.54
N TYR B 49 -21.78 15.21 20.39
CA TYR B 49 -21.10 16.45 20.65
C TYR B 49 -22.03 17.37 21.46
N SER B 50 -21.44 18.43 22.04
CA SER B 50 -22.19 19.35 22.89
C SER B 50 -22.97 18.60 23.97
N ALA B 51 -22.33 17.53 24.47
CA ALA B 51 -22.77 16.62 25.52
C ALA B 51 -23.95 15.72 25.16
N SER B 52 -24.79 16.11 24.21
CA SER B 52 -26.00 15.34 23.97
C SER B 52 -26.47 15.30 22.52
N SER B 53 -25.75 15.92 21.60
CA SER B 53 -26.19 15.99 20.22
C SER B 53 -25.61 14.81 19.49
N LEU B 54 -26.47 14.08 18.78
CA LEU B 54 -26.08 12.87 18.06
C LEU B 54 -25.55 13.23 16.67
N TYR B 55 -24.30 12.86 16.39
CA TYR B 55 -23.70 13.22 15.11
C TYR B 55 -24.39 12.49 13.97
N SER B 56 -24.41 13.13 12.82
CA SER B 56 -25.21 12.64 11.71
C SER B 56 -24.82 11.21 11.33
N GLY B 57 -25.82 10.34 11.23
CA GLY B 57 -25.59 8.95 10.89
C GLY B 57 -25.27 8.03 12.06
N VAL B 58 -25.13 8.54 13.27
CA VAL B 58 -24.90 7.67 14.43
C VAL B 58 -26.23 7.08 14.88
N PRO B 59 -26.31 5.79 15.20
CA PRO B 59 -27.60 5.21 15.60
C PRO B 59 -28.14 5.82 16.89
N SER B 60 -29.48 5.86 16.98
CA SER B 60 -30.17 6.49 18.10
C SER B 60 -29.99 5.75 19.41
N ARG B 61 -29.44 4.53 19.40
CA ARG B 61 -29.17 3.85 20.66
C ARG B 61 -28.05 4.51 21.44
N PHE B 62 -27.20 5.32 20.80
CA PHE B 62 -26.21 6.11 21.51
C PHE B 62 -26.84 7.42 21.97
N SER B 63 -26.62 7.76 23.24
CA SER B 63 -27.11 9.01 23.80
C SER B 63 -26.13 9.51 24.86
N GLY B 64 -26.12 10.84 25.05
CA GLY B 64 -25.22 11.47 26.00
C GLY B 64 -26.00 12.26 27.02
N SER B 65 -25.48 12.30 28.25
CA SER B 65 -26.16 12.88 29.39
C SER B 65 -25.18 13.70 30.23
N ARG B 66 -25.73 14.59 31.05
CA ARG B 66 -24.89 15.34 31.98
C ARG B 66 -25.63 15.50 33.30
N SER B 67 -24.90 15.30 34.40
CA SER B 67 -25.40 15.61 35.74
C SER B 67 -24.27 16.34 36.45
N GLY B 68 -24.39 17.67 36.54
CA GLY B 68 -23.34 18.47 37.14
C GLY B 68 -22.03 18.31 36.38
N THR B 69 -21.01 17.85 37.09
CA THR B 69 -19.69 17.60 36.47
C THR B 69 -19.60 16.28 35.72
N ASP B 70 -20.59 15.40 35.82
CA ASP B 70 -20.49 14.05 35.27
C ASP B 70 -21.19 13.93 33.92
N PHE B 71 -20.46 13.46 32.92
CA PHE B 71 -20.96 13.26 31.57
C PHE B 71 -21.01 11.76 31.31
N THR B 72 -22.11 11.31 30.70
CA THR B 72 -22.36 9.89 30.53
C THR B 72 -22.75 9.57 29.10
N LEU B 73 -22.07 8.58 28.52
CA LEU B 73 -22.48 7.96 27.27
C LEU B 73 -23.25 6.68 27.58
N THR B 74 -24.43 6.54 27.00
CA THR B 74 -25.26 5.36 27.20
C THR B 74 -25.48 4.68 25.85
N ILE B 75 -25.26 3.36 25.80
CA ILE B 75 -25.66 2.55 24.66
C ILE B 75 -26.86 1.74 25.13
N SER B 76 -28.05 2.03 24.59
CA SER B 76 -29.24 1.46 25.18
C SER B 76 -29.32 -0.05 24.96
N SER B 77 -28.76 -0.56 23.86
CA SER B 77 -28.81 -1.98 23.55
C SER B 77 -27.55 -2.31 22.75
N LEU B 78 -26.60 -2.97 23.39
CA LEU B 78 -25.32 -3.25 22.73
C LEU B 78 -25.52 -4.16 21.51
N GLN B 79 -24.97 -3.74 20.37
CA GLN B 79 -24.96 -4.53 19.13
C GLN B 79 -23.56 -5.07 18.83
N PRO B 80 -23.43 -6.11 17.99
CA PRO B 80 -22.09 -6.67 17.75
C PRO B 80 -21.07 -5.61 17.29
N GLU B 81 -21.50 -4.62 16.53
CA GLU B 81 -20.56 -3.61 16.05
C GLU B 81 -20.17 -2.58 17.12
N ASP B 82 -20.75 -2.64 18.32
CA ASP B 82 -20.46 -1.65 19.35
C ASP B 82 -19.28 -2.03 20.23
N PHE B 83 -18.75 -3.24 20.13
CA PHE B 83 -17.62 -3.57 20.97
C PHE B 83 -16.41 -2.81 20.46
N ALA B 84 -15.89 -1.92 21.29
CA ALA B 84 -14.89 -0.96 20.86
C ALA B 84 -14.36 -0.27 22.10
N THR B 85 -13.41 0.65 21.89
CA THR B 85 -12.99 1.56 22.93
C THR B 85 -13.67 2.91 22.71
N TYR B 86 -14.10 3.54 23.81
CA TYR B 86 -14.79 4.82 23.78
C TYR B 86 -14.03 5.85 24.58
N TYR B 87 -14.05 7.10 24.09
CA TYR B 87 -13.35 8.23 24.67
C TYR B 87 -14.27 9.42 24.81
N CYS B 88 -14.19 10.12 25.95
CA CYS B 88 -14.77 11.45 26.06
C CYS B 88 -13.70 12.50 25.80
N GLN B 89 -14.15 13.67 25.35
CA GLN B 89 -13.27 14.79 25.05
C GLN B 89 -13.90 16.03 25.64
N GLN B 90 -13.09 16.87 26.29
CA GLN B 90 -13.55 18.16 26.76
C GLN B 90 -12.69 19.25 26.13
N SER B 91 -13.33 20.35 25.77
CA SER B 91 -12.65 21.50 25.20
C SER B 91 -12.93 22.71 26.08
N SER B 92 -11.93 23.58 26.19
CA SER B 92 -12.07 24.92 26.76
C SER B 92 -11.73 25.92 25.67
N TYR B 93 -11.51 27.19 26.04
CA TYR B 93 -11.10 28.07 24.96
C TYR B 93 -9.61 27.97 24.66
N SER B 94 -8.84 27.36 25.56
CA SER B 94 -7.39 27.25 25.39
C SER B 94 -6.86 25.83 25.25
N LEU B 95 -7.61 24.82 25.72
CA LEU B 95 -7.10 23.46 25.83
C LEU B 95 -8.14 22.45 25.37
N ILE B 96 -7.65 21.28 24.98
CA ILE B 96 -8.46 20.10 24.76
C ILE B 96 -7.88 18.98 25.62
N THR B 97 -8.76 18.12 26.13
CA THR B 97 -8.27 16.92 26.80
C THR B 97 -9.21 15.76 26.52
N PHE B 98 -8.69 14.55 26.68
CA PHE B 98 -9.47 13.33 26.48
C PHE B 98 -9.50 12.53 27.76
N GLY B 99 -10.64 11.85 28.02
CA GLY B 99 -10.64 10.82 29.02
C GLY B 99 -9.70 9.68 28.65
N GLN B 100 -9.43 8.82 29.62
CA GLN B 100 -8.47 7.74 29.48
C GLN B 100 -9.00 6.57 28.65
N GLY B 101 -10.27 6.57 28.31
CA GLY B 101 -10.79 5.51 27.46
C GLY B 101 -11.49 4.41 28.25
N THR B 102 -12.48 3.81 27.61
CA THR B 102 -13.21 2.66 28.15
C THR B 102 -13.29 1.56 27.10
N LYS B 103 -12.67 0.42 27.38
CA LYS B 103 -12.75 -0.72 26.47
C LYS B 103 -14.03 -1.49 26.75
N VAL B 104 -14.88 -1.65 25.73
CA VAL B 104 -16.12 -2.41 25.88
C VAL B 104 -15.92 -3.74 25.17
N GLU B 105 -15.88 -4.83 25.95
CA GLU B 105 -15.47 -6.15 25.46
C GLU B 105 -16.61 -7.16 25.55
N ILE B 106 -16.67 -8.07 24.57
CA ILE B 106 -17.62 -9.19 24.63
C ILE B 106 -17.34 -10.10 25.82
N LYS B 107 -18.41 -10.51 26.48
CA LYS B 107 -18.34 -11.46 27.59
C LYS B 107 -18.20 -12.87 27.03
N GLY B 108 -17.05 -13.48 27.25
CA GLY B 108 -16.79 -14.83 26.77
C GLY B 108 -16.78 -14.95 25.26
N GLY B 112 -20.68 -18.07 24.03
CA GLY B 112 -21.90 -18.54 24.68
C GLY B 112 -21.62 -19.53 25.80
N GLU B 113 -22.19 -20.75 25.69
CA GLU B 113 -21.81 -21.82 26.59
C GLU B 113 -20.45 -22.41 26.24
N VAL B 114 -20.03 -22.30 24.99
CA VAL B 114 -18.77 -22.88 24.51
C VAL B 114 -17.64 -21.88 24.72
N GLN B 115 -16.60 -22.32 25.42
CA GLN B 115 -15.39 -21.55 25.64
C GLN B 115 -14.18 -22.46 25.51
N LEU B 116 -13.11 -21.89 24.96
CA LEU B 116 -11.78 -22.48 24.96
C LEU B 116 -10.82 -21.40 25.45
N VAL B 117 -9.98 -21.74 26.42
CA VAL B 117 -9.06 -20.75 27.01
C VAL B 117 -7.66 -21.33 26.98
N GLU B 118 -6.79 -20.75 26.17
CA GLU B 118 -5.41 -21.19 26.10
C GLU B 118 -4.58 -20.54 27.19
N SER B 119 -3.61 -21.29 27.69
CA SER B 119 -2.66 -20.76 28.66
C SER B 119 -1.32 -21.44 28.45
N GLY B 120 -0.29 -20.90 29.09
CA GLY B 120 1.03 -21.46 29.05
C GLY B 120 2.01 -20.74 28.14
N GLY B 121 1.54 -19.76 27.38
CA GLY B 121 2.45 -19.01 26.53
C GLY B 121 3.44 -18.20 27.35
N GLY B 122 4.60 -17.97 26.77
CA GLY B 122 5.65 -17.28 27.50
C GLY B 122 6.88 -17.15 26.63
N LEU B 123 7.97 -16.73 27.26
CA LEU B 123 9.20 -16.41 26.57
C LEU B 123 10.23 -17.49 26.91
N VAL B 124 10.89 -18.03 25.87
CA VAL B 124 11.97 -18.99 26.06
C VAL B 124 13.11 -18.69 25.09
N GLN B 125 14.25 -19.27 25.39
CA GLN B 125 15.41 -19.22 24.52
C GLN B 125 15.36 -20.35 23.49
N PRO B 126 16.03 -20.21 22.35
CA PRO B 126 16.05 -21.30 21.37
C PRO B 126 16.56 -22.58 22.01
N GLY B 127 15.86 -23.69 21.74
CA GLY B 127 16.14 -24.95 22.41
C GLY B 127 15.35 -25.21 23.68
N GLY B 128 14.58 -24.23 24.17
CA GLY B 128 13.77 -24.41 25.36
C GLY B 128 12.47 -25.12 25.04
N SER B 129 11.64 -25.27 26.06
N SER B 129 11.65 -25.26 26.08
CA SER B 129 10.40 -25.99 25.93
CA SER B 129 10.40 -26.00 25.97
C SER B 129 9.28 -25.25 26.66
C SER B 129 9.28 -25.21 26.63
N LEU B 130 8.05 -25.46 26.17
CA LEU B 130 6.84 -24.95 26.80
C LEU B 130 5.74 -25.98 26.65
N ARG B 131 4.81 -26.00 27.60
CA ARG B 131 3.56 -26.75 27.47
C ARG B 131 2.39 -25.78 27.45
N LEU B 132 1.61 -25.82 26.38
CA LEU B 132 0.39 -25.01 26.29
C LEU B 132 -0.79 -25.85 26.75
N SER B 133 -1.75 -25.18 27.35
CA SER B 133 -2.99 -25.77 27.84
C SER B 133 -4.15 -25.11 27.14
N CYS B 134 -5.20 -25.89 26.90
CA CYS B 134 -6.43 -25.38 26.33
C CYS B 134 -7.57 -25.93 27.17
N ALA B 135 -8.19 -25.09 27.97
CA ALA B 135 -9.29 -25.50 28.83
C ALA B 135 -10.60 -25.32 28.07
N ALA B 136 -11.38 -26.40 27.96
CA ALA B 136 -12.65 -26.38 27.25
C ALA B 136 -13.81 -26.41 28.24
N SER B 137 -14.87 -25.68 27.92
CA SER B 137 -16.12 -25.78 28.66
C SER B 137 -17.30 -25.67 27.70
N GLY B 138 -18.44 -26.19 28.14
CA GLY B 138 -19.64 -26.17 27.32
C GLY B 138 -19.76 -27.31 26.34
N PHE B 139 -18.83 -28.26 26.34
CA PHE B 139 -18.90 -29.41 25.46
C PHE B 139 -17.91 -30.45 25.95
N ASN B 140 -18.18 -31.71 25.62
CA ASN B 140 -17.25 -32.78 25.97
C ASN B 140 -16.12 -32.82 24.95
N LEU B 141 -14.91 -32.54 25.42
CA LEU B 141 -13.76 -32.60 24.53
C LEU B 141 -13.57 -33.99 23.93
N ARG B 142 -14.02 -35.04 24.64
CA ARG B 142 -13.79 -36.42 24.20
C ARG B 142 -14.40 -36.71 22.85
N SER B 143 -15.48 -36.01 22.50
CA SER B 143 -16.28 -36.28 21.31
C SER B 143 -15.93 -35.38 20.11
N TYR B 144 -14.80 -34.67 20.14
CA TYR B 144 -14.48 -33.76 19.05
C TYR B 144 -13.00 -33.88 18.71
N TYR B 145 -12.68 -33.63 17.44
CA TYR B 145 -11.30 -33.31 17.11
C TYR B 145 -10.98 -31.95 17.73
N MET B 146 -9.78 -31.85 18.31
CA MET B 146 -9.17 -30.61 18.77
C MET B 146 -7.91 -30.31 17.97
N HIS B 147 -7.72 -29.01 17.67
CA HIS B 147 -6.63 -28.53 16.85
C HIS B 147 -5.86 -27.43 17.57
N TRP B 148 -4.55 -27.38 17.28
CA TRP B 148 -3.71 -26.22 17.54
C TRP B 148 -3.32 -25.56 16.22
N VAL B 149 -3.48 -24.24 16.16
CA VAL B 149 -3.19 -23.43 14.99
C VAL B 149 -2.45 -22.19 15.47
N ARG B 150 -1.40 -21.78 14.75
CA ARG B 150 -0.61 -20.65 15.22
C ARG B 150 -0.55 -19.56 14.17
N GLN B 151 -0.11 -18.38 14.62
CA GLN B 151 -0.05 -17.22 13.75
C GLN B 151 1.11 -16.35 14.18
N ALA B 152 2.19 -16.38 13.39
CA ALA B 152 3.32 -15.50 13.66
C ALA B 152 2.90 -14.04 13.50
N PRO B 153 3.55 -13.10 14.24
CA PRO B 153 3.14 -11.70 14.17
C PRO B 153 3.07 -11.17 12.74
N GLY B 154 1.91 -10.63 12.37
CA GLY B 154 1.69 -10.13 11.01
C GLY B 154 1.72 -11.18 9.91
N LYS B 155 1.60 -12.47 10.22
CA LYS B 155 1.54 -13.49 9.18
C LYS B 155 0.21 -14.24 9.26
N GLY B 156 0.12 -15.34 8.51
CA GLY B 156 -1.12 -16.06 8.37
C GLY B 156 -1.27 -17.21 9.35
N LEU B 157 -2.44 -17.82 9.32
CA LEU B 157 -2.69 -19.03 10.10
C LEU B 157 -1.85 -20.19 9.59
N GLU B 158 -1.31 -20.98 10.52
CA GLU B 158 -0.57 -22.18 10.20
C GLU B 158 -1.05 -23.32 11.11
N TRP B 159 -1.57 -24.39 10.50
CA TRP B 159 -1.97 -25.53 11.31
C TRP B 159 -0.74 -26.15 11.96
N VAL B 160 -0.86 -26.50 13.23
CA VAL B 160 0.20 -27.13 14.02
C VAL B 160 -0.09 -28.63 14.22
N ALA B 161 -1.23 -28.96 14.80
CA ALA B 161 -1.51 -30.32 15.21
C ALA B 161 -3.00 -30.51 15.50
N SER B 162 -3.43 -31.78 15.48
CA SER B 162 -4.80 -32.18 15.80
C SER B 162 -4.79 -33.51 16.54
N ILE B 163 -5.81 -33.72 17.37
CA ILE B 163 -5.97 -34.99 18.07
C ILE B 163 -7.42 -35.45 17.92
N SER B 164 -7.58 -36.72 17.68
CA SER B 164 -8.88 -37.25 17.30
C SER B 164 -9.70 -37.59 18.54
N PRO B 165 -11.03 -37.58 18.41
CA PRO B 165 -11.89 -37.99 19.52
C PRO B 165 -11.88 -39.49 19.71
N TYR B 166 -12.06 -39.91 20.97
CA TYR B 166 -12.32 -41.28 21.41
C TYR B 166 -11.15 -42.24 21.24
N TYR B 167 -10.17 -41.91 20.40
CA TYR B 167 -9.07 -42.84 20.17
C TYR B 167 -7.73 -42.14 20.20
N SER B 168 -7.70 -40.82 20.28
CA SER B 168 -6.51 -40.04 20.60
C SER B 168 -5.42 -40.15 19.53
N TYR B 169 -5.81 -40.45 18.30
CA TYR B 169 -4.87 -40.36 17.18
C TYR B 169 -4.40 -38.92 17.00
N THR B 170 -3.14 -38.76 16.63
CA THR B 170 -2.54 -37.44 16.50
C THR B 170 -2.01 -37.20 15.10
N TYR B 171 -2.08 -35.94 14.67
CA TYR B 171 -1.66 -35.52 13.35
C TYR B 171 -0.83 -34.25 13.48
N TYR B 172 0.23 -34.15 12.69
CA TYR B 172 1.18 -33.05 12.87
C TYR B 172 1.57 -32.43 11.53
N ALA B 173 1.78 -31.12 11.58
CA ALA B 173 2.42 -30.41 10.47
C ALA B 173 3.88 -30.83 10.38
N ASP B 174 4.38 -30.90 9.15
CA ASP B 174 5.79 -31.18 8.90
C ASP B 174 6.70 -30.22 9.66
N SER B 175 6.32 -28.94 9.75
CA SER B 175 7.19 -27.95 10.37
C SER B 175 7.44 -28.21 11.87
N VAL B 176 6.59 -28.97 12.55
CA VAL B 176 6.78 -29.27 13.96
C VAL B 176 7.03 -30.75 14.23
N LYS B 177 7.14 -31.57 13.20
CA LYS B 177 7.29 -33.01 13.39
C LYS B 177 8.53 -33.30 14.21
N GLY B 178 8.39 -34.19 15.20
CA GLY B 178 9.52 -34.61 16.02
C GLY B 178 9.91 -33.62 17.10
N ARG B 179 9.20 -32.52 17.25
CA ARG B 179 9.43 -31.53 18.30
C ARG B 179 8.21 -31.31 19.16
N PHE B 180 7.00 -31.30 18.58
CA PHE B 180 5.78 -31.00 19.32
C PHE B 180 4.96 -32.27 19.51
N THR B 181 4.24 -32.34 20.63
CA THR B 181 3.32 -33.45 20.89
C THR B 181 1.99 -32.88 21.36
N ILE B 182 0.90 -33.28 20.72
CA ILE B 182 -0.44 -32.89 21.16
C ILE B 182 -1.02 -34.04 21.98
N SER B 183 -1.77 -33.69 23.01
CA SER B 183 -2.41 -34.69 23.85
C SER B 183 -3.67 -34.09 24.46
N ALA B 184 -4.43 -34.93 25.15
CA ALA B 184 -5.64 -34.46 25.80
C ALA B 184 -5.87 -35.28 27.06
N ASP B 185 -6.59 -34.68 27.99
CA ASP B 185 -7.04 -35.34 29.21
C ASP B 185 -8.55 -35.18 29.20
N THR B 186 -9.25 -36.19 28.65
CA THR B 186 -10.69 -36.06 28.44
C THR B 186 -11.42 -35.92 29.76
N SER B 187 -10.99 -36.66 30.79
CA SER B 187 -11.65 -36.56 32.08
C SER B 187 -11.60 -35.13 32.63
N LYS B 188 -10.64 -34.31 32.18
CA LYS B 188 -10.54 -32.94 32.67
C LYS B 188 -10.80 -31.89 31.60
N ASN B 189 -11.28 -32.29 30.41
CA ASN B 189 -11.71 -31.36 29.36
C ASN B 189 -10.60 -30.39 28.95
N THR B 190 -9.36 -30.88 28.91
CA THR B 190 -8.21 -30.05 28.58
C THR B 190 -7.37 -30.70 27.50
N ALA B 191 -6.94 -29.90 26.52
CA ALA B 191 -5.98 -30.33 25.51
C ALA B 191 -4.64 -29.66 25.74
N TYR B 192 -3.58 -30.28 25.24
CA TYR B 192 -2.22 -29.84 25.54
C TYR B 192 -1.38 -29.85 24.28
N LEU B 193 -0.40 -28.94 24.24
CA LEU B 193 0.65 -28.95 23.22
C LEU B 193 2.00 -28.83 23.93
N GLN B 194 2.75 -29.95 23.97
CA GLN B 194 4.12 -29.92 24.46
C GLN B 194 5.02 -29.44 23.33
N MET B 195 5.74 -28.34 23.55
CA MET B 195 6.58 -27.74 22.52
C MET B 195 8.02 -27.85 22.97
N ASN B 196 8.80 -28.75 22.35
CA ASN B 196 10.21 -28.90 22.66
C ASN B 196 11.07 -28.36 21.52
N SER B 197 12.36 -28.15 21.81
CA SER B 197 13.34 -27.77 20.79
C SER B 197 12.90 -26.52 20.03
N LEU B 198 12.48 -25.49 20.78
CA LEU B 198 11.86 -24.33 20.17
C LEU B 198 12.90 -23.53 19.37
N ARG B 199 12.43 -22.91 18.28
N ARG B 199 12.41 -22.87 18.32
CA ARG B 199 13.25 -22.03 17.46
CA ARG B 199 13.24 -22.02 17.48
C ARG B 199 12.53 -20.69 17.28
C ARG B 199 12.51 -20.70 17.23
N ALA B 200 13.26 -19.72 16.73
CA ALA B 200 12.74 -18.36 16.57
C ALA B 200 11.44 -18.35 15.77
N GLU B 201 11.37 -19.18 14.73
CA GLU B 201 10.22 -19.27 13.84
C GLU B 201 8.99 -19.88 14.50
N ASP B 202 9.10 -20.41 15.71
CA ASP B 202 7.90 -20.86 16.41
C ASP B 202 7.20 -19.72 17.15
N THR B 203 7.80 -18.53 17.21
CA THR B 203 7.16 -17.39 17.85
C THR B 203 5.83 -17.10 17.16
N ALA B 204 4.76 -17.03 17.95
CA ALA B 204 3.42 -16.94 17.36
C ALA B 204 2.40 -16.89 18.48
N VAL B 205 1.21 -16.42 18.11
CA VAL B 205 0.02 -16.65 18.91
C VAL B 205 -0.49 -18.05 18.58
N TYR B 206 -0.68 -18.85 19.61
CA TYR B 206 -1.13 -20.21 19.45
C TYR B 206 -2.59 -20.30 19.85
N TYR B 207 -3.43 -20.71 18.91
CA TYR B 207 -4.85 -20.90 19.14
C TYR B 207 -5.19 -22.38 19.29
N CYS B 208 -6.09 -22.70 20.21
N CYS B 208 -6.10 -22.65 20.21
CA CYS B 208 -6.73 -24.02 20.21
CA CYS B 208 -6.80 -23.92 20.30
C CYS B 208 -8.15 -23.87 19.69
C CYS B 208 -8.15 -23.80 19.59
N ALA B 209 -8.58 -24.86 18.92
CA ALA B 209 -9.85 -24.78 18.17
C ALA B 209 -10.54 -26.13 18.17
N ARG B 210 -11.88 -26.08 18.18
CA ARG B 210 -12.73 -27.28 18.15
C ARG B 210 -13.19 -27.59 16.73
N HIS B 211 -13.12 -28.86 16.37
CA HIS B 211 -13.57 -29.32 15.06
C HIS B 211 -15.10 -29.31 14.98
N GLY B 212 -15.61 -28.73 13.90
CA GLY B 212 -17.02 -28.86 13.60
C GLY B 212 -17.21 -28.79 12.11
N TYR B 213 -17.98 -29.74 11.56
CA TYR B 213 -18.39 -29.73 10.15
C TYR B 213 -17.20 -29.68 9.20
N GLY B 214 -16.18 -30.49 9.46
CA GLY B 214 -15.02 -30.50 8.58
C GLY B 214 -14.19 -29.23 8.64
N ALA B 215 -14.35 -28.44 9.69
CA ALA B 215 -13.67 -27.17 9.85
C ALA B 215 -13.50 -26.92 11.34
N MET B 216 -13.18 -25.69 11.72
CA MET B 216 -12.94 -25.35 13.11
C MET B 216 -13.96 -24.30 13.53
N ASP B 217 -15.00 -24.72 14.27
CA ASP B 217 -16.12 -23.82 14.50
C ASP B 217 -15.96 -22.90 15.72
N TYR B 218 -15.16 -23.26 16.71
CA TYR B 218 -14.91 -22.40 17.88
C TYR B 218 -13.42 -22.29 18.14
N TRP B 219 -12.98 -21.06 18.43
CA TRP B 219 -11.58 -20.77 18.67
C TRP B 219 -11.44 -20.10 20.03
N GLY B 220 -10.30 -20.35 20.70
CA GLY B 220 -9.93 -19.56 21.86
C GLY B 220 -9.34 -18.21 21.43
N GLN B 221 -8.97 -17.41 22.43
CA GLN B 221 -8.36 -16.11 22.13
C GLN B 221 -6.87 -16.21 21.88
N GLY B 222 -6.26 -17.36 22.17
CA GLY B 222 -4.87 -17.61 21.84
C GLY B 222 -3.92 -17.21 22.96
N THR B 223 -2.73 -17.81 22.94
CA THR B 223 -1.69 -17.51 23.91
C THR B 223 -0.37 -17.29 23.18
N LEU B 224 0.36 -16.25 23.58
CA LEU B 224 1.54 -15.81 22.85
C LEU B 224 2.76 -16.61 23.29
N VAL B 225 3.53 -17.07 22.31
CA VAL B 225 4.80 -17.74 22.55
C VAL B 225 5.89 -16.96 21.83
N THR B 226 6.92 -16.57 22.55
CA THR B 226 8.03 -15.82 21.99
C THR B 226 9.32 -16.59 22.20
N VAL B 227 10.01 -16.91 21.12
CA VAL B 227 11.30 -17.59 21.16
C VAL B 227 12.34 -16.60 20.66
N SER B 228 13.32 -16.29 21.51
CA SER B 228 14.33 -15.32 21.11
C SER B 228 15.58 -15.52 21.92
N SER B 229 16.73 -15.34 21.28
CA SER B 229 18.01 -15.40 21.98
C SER B 229 18.27 -14.03 22.60
N ASP C 1 -26.00 9.19 -21.44
CA ASP C 1 -24.65 9.38 -20.90
C ASP C 1 -24.15 8.07 -20.34
N ILE C 2 -22.93 8.08 -19.81
CA ILE C 2 -22.29 6.87 -19.33
C ILE C 2 -21.58 7.18 -18.02
N GLN C 3 -21.43 6.16 -17.19
CA GLN C 3 -20.61 6.24 -15.99
C GLN C 3 -20.10 4.85 -15.66
N MET C 4 -18.84 4.77 -15.25
CA MET C 4 -18.18 3.52 -14.92
C MET C 4 -17.65 3.58 -13.49
N THR C 5 -17.85 2.49 -12.77
CA THR C 5 -17.36 2.31 -11.42
C THR C 5 -16.46 1.10 -11.39
N GLN C 6 -15.19 1.31 -11.07
CA GLN C 6 -14.18 0.26 -11.15
C GLN C 6 -13.88 -0.27 -9.75
N SER C 7 -13.77 -1.59 -9.63
CA SER C 7 -13.38 -2.18 -8.36
C SER C 7 -12.54 -3.42 -8.62
N PRO C 8 -11.57 -3.72 -7.74
CA PRO C 8 -11.15 -2.94 -6.56
C PRO C 8 -10.40 -1.69 -6.98
N SER C 9 -10.14 -0.76 -6.08
CA SER C 9 -9.26 0.36 -6.41
C SER C 9 -7.80 -0.05 -6.37
N SER C 10 -7.48 -1.08 -5.58
CA SER C 10 -6.14 -1.66 -5.59
C SER C 10 -6.19 -3.10 -5.09
N LEU C 11 -5.26 -3.89 -5.59
CA LEU C 11 -5.03 -5.24 -5.08
C LEU C 11 -3.54 -5.52 -5.13
N SER C 12 -3.09 -6.36 -4.20
CA SER C 12 -1.74 -6.89 -4.20
C SER C 12 -1.80 -8.36 -4.60
N ALA C 13 -0.90 -8.77 -5.48
CA ALA C 13 -0.90 -10.15 -5.92
C ALA C 13 0.52 -10.59 -6.19
N SER C 14 0.69 -11.88 -6.43
CA SER C 14 1.98 -12.48 -6.70
C SER C 14 2.02 -13.01 -8.12
N VAL C 15 3.23 -13.11 -8.66
CA VAL C 15 3.42 -13.73 -9.96
C VAL C 15 2.80 -15.12 -9.94
N GLY C 16 2.00 -15.42 -10.97
CA GLY C 16 1.29 -16.67 -11.07
C GLY C 16 -0.19 -16.61 -10.72
N ASP C 17 -0.62 -15.55 -10.05
CA ASP C 17 -1.99 -15.40 -9.60
C ASP C 17 -2.91 -15.04 -10.76
N ARG C 18 -4.16 -15.47 -10.66
CA ARG C 18 -5.20 -15.00 -11.55
C ARG C 18 -5.89 -13.83 -10.86
N VAL C 19 -5.99 -12.71 -11.57
N VAL C 19 -6.01 -12.71 -11.57
CA VAL C 19 -6.53 -11.45 -11.05
CA VAL C 19 -6.56 -11.49 -11.02
C VAL C 19 -7.69 -11.02 -11.94
C VAL C 19 -7.69 -11.00 -11.92
N THR C 20 -8.75 -10.49 -11.31
CA THR C 20 -9.94 -10.04 -12.01
C THR C 20 -10.31 -8.63 -11.56
N ILE C 21 -10.59 -7.75 -12.52
CA ILE C 21 -10.95 -6.34 -12.29
C ILE C 21 -12.30 -6.10 -12.96
N THR C 22 -13.23 -5.49 -12.22
CA THR C 22 -14.59 -5.24 -12.70
C THR C 22 -14.86 -3.75 -12.92
N CYS C 23 -15.65 -3.44 -13.96
CA CYS C 23 -16.20 -2.11 -14.19
C CYS C 23 -17.69 -2.25 -14.42
N ARG C 24 -18.49 -1.56 -13.61
CA ARG C 24 -19.94 -1.54 -13.77
C ARG C 24 -20.37 -0.26 -14.50
N ALA C 25 -21.03 -0.43 -15.64
CA ALA C 25 -21.67 0.69 -16.32
C ALA C 25 -23.03 0.93 -15.69
N SER C 26 -23.25 2.13 -15.15
CA SER C 26 -24.45 2.43 -14.37
C SER C 26 -25.54 3.12 -15.18
N GLN C 27 -25.31 3.33 -16.46
CA GLN C 27 -26.22 4.06 -17.36
C GLN C 27 -26.23 3.27 -18.65
N SER C 28 -26.39 3.94 -19.79
CA SER C 28 -26.27 3.31 -21.12
C SER C 28 -25.18 2.24 -21.14
N VAL C 29 -25.49 1.09 -21.75
CA VAL C 29 -24.56 -0.01 -21.91
C VAL C 29 -24.50 -0.39 -23.39
N SER C 30 -23.30 -0.49 -23.93
CA SER C 30 -23.06 -1.21 -25.18
C SER C 30 -21.78 -2.01 -24.98
N SER C 31 -21.34 -2.72 -26.00
N SER C 31 -21.35 -2.70 -26.04
CA SER C 31 -20.08 -3.42 -25.85
CA SER C 31 -20.09 -3.43 -26.03
C SER C 31 -18.89 -2.53 -26.24
C SER C 31 -18.88 -2.50 -26.16
N ALA C 32 -19.12 -1.21 -26.38
CA ALA C 32 -18.04 -0.25 -26.63
C ALA C 32 -17.27 0.07 -25.36
N VAL C 33 -16.61 -0.94 -24.82
CA VAL C 33 -15.84 -0.85 -23.59
C VAL C 33 -14.42 -1.30 -23.89
N ALA C 34 -13.45 -0.57 -23.38
CA ALA C 34 -12.03 -0.83 -23.62
C ALA C 34 -11.29 -0.84 -22.29
N TRP C 35 -10.13 -1.50 -22.28
CA TRP C 35 -9.28 -1.59 -21.10
C TRP C 35 -7.87 -1.13 -21.47
N TYR C 36 -7.26 -0.38 -20.54
CA TYR C 36 -5.93 0.15 -20.72
C TYR C 36 -5.03 -0.25 -19.56
N GLN C 37 -3.75 -0.37 -19.85
CA GLN C 37 -2.71 -0.56 -18.84
C GLN C 37 -1.84 0.69 -18.81
N GLN C 38 -1.52 1.18 -17.60
CA GLN C 38 -0.60 2.32 -17.49
C GLN C 38 0.46 2.03 -16.45
N LYS C 39 1.69 2.18 -16.84
CA LYS C 39 2.82 2.09 -15.94
C LYS C 39 3.27 3.48 -15.51
N PRO C 40 3.91 3.58 -14.35
CA PRO C 40 4.30 4.90 -13.84
C PRO C 40 5.21 5.63 -14.83
N GLY C 41 4.96 6.91 -14.98
CA GLY C 41 5.73 7.72 -15.91
C GLY C 41 5.44 7.49 -17.37
N LYS C 42 4.47 6.64 -17.70
CA LYS C 42 4.22 6.23 -19.07
C LYS C 42 2.80 6.57 -19.48
N ALA C 43 2.57 6.63 -20.79
CA ALA C 43 1.22 6.75 -21.33
C ALA C 43 0.45 5.44 -21.18
N PRO C 44 -0.88 5.51 -21.17
CA PRO C 44 -1.69 4.29 -21.16
C PRO C 44 -1.50 3.52 -22.45
N LYS C 45 -1.68 2.21 -22.37
CA LYS C 45 -1.60 1.35 -23.55
C LYS C 45 -2.87 0.51 -23.66
N LEU C 46 -3.41 0.42 -24.86
CA LEU C 46 -4.67 -0.29 -25.07
C LEU C 46 -4.47 -1.80 -24.95
N LEU C 47 -5.31 -2.45 -24.14
CA LEU C 47 -5.25 -3.91 -23.99
C LEU C 47 -6.37 -4.59 -24.75
N ILE C 48 -7.61 -4.09 -24.62
CA ILE C 48 -8.82 -4.76 -25.07
C ILE C 48 -9.80 -3.70 -25.53
N TYR C 49 -10.54 -4.00 -26.61
CA TYR C 49 -11.57 -3.09 -27.13
C TYR C 49 -12.79 -3.92 -27.50
N SER C 50 -13.93 -3.23 -27.67
CA SER C 50 -15.21 -3.90 -27.94
C SER C 50 -15.48 -5.00 -26.92
N ALA C 51 -15.06 -4.74 -25.69
CA ALA C 51 -15.22 -5.53 -24.47
C ALA C 51 -14.38 -6.82 -24.43
N SER C 52 -14.02 -7.39 -25.57
CA SER C 52 -13.32 -8.68 -25.56
C SER C 52 -12.30 -8.85 -26.66
N SER C 53 -12.08 -7.87 -27.51
CA SER C 53 -11.16 -8.01 -28.62
C SER C 53 -9.76 -7.64 -28.14
N LEU C 54 -8.83 -8.58 -28.26
CA LEU C 54 -7.46 -8.37 -27.84
C LEU C 54 -6.74 -7.50 -28.87
N TYR C 55 -6.09 -6.44 -28.41
CA TYR C 55 -5.37 -5.56 -29.33
C TYR C 55 -4.09 -6.24 -29.78
N SER C 56 -3.68 -5.98 -31.01
CA SER C 56 -2.55 -6.70 -31.59
C SER C 56 -1.30 -6.53 -30.72
N GLY C 57 -0.63 -7.65 -30.47
CA GLY C 57 0.57 -7.66 -29.65
C GLY C 57 0.35 -7.85 -28.16
N VAL C 58 -0.88 -7.79 -27.68
CA VAL C 58 -1.13 -7.96 -26.25
C VAL C 58 -1.15 -9.45 -25.90
N PRO C 59 -0.49 -9.87 -24.83
CA PRO C 59 -0.42 -11.31 -24.51
C PRO C 59 -1.79 -11.91 -24.24
N SER C 60 -1.95 -13.18 -24.58
CA SER C 60 -3.24 -13.86 -24.52
C SER C 60 -3.72 -14.10 -23.09
N ARG C 61 -2.87 -13.86 -22.08
CA ARG C 61 -3.31 -13.98 -20.70
C ARG C 61 -4.24 -12.85 -20.28
N PHE C 62 -4.37 -11.81 -21.10
CA PHE C 62 -5.35 -10.74 -20.89
C PHE C 62 -6.64 -11.11 -21.63
N SER C 63 -7.78 -11.08 -20.93
CA SER C 63 -9.06 -11.31 -21.58
C SER C 63 -10.10 -10.34 -20.99
N GLY C 64 -11.08 -9.98 -21.81
CA GLY C 64 -12.16 -9.09 -21.40
C GLY C 64 -13.51 -9.78 -21.55
N SER C 65 -14.41 -9.50 -20.60
CA SER C 65 -15.70 -10.18 -20.53
C SER C 65 -16.80 -9.18 -20.22
N ARG C 66 -18.03 -9.62 -20.42
CA ARG C 66 -19.20 -8.80 -20.10
C ARG C 66 -20.30 -9.71 -19.60
N SER C 67 -21.02 -9.22 -18.59
CA SER C 67 -22.25 -9.84 -18.13
C SER C 67 -23.21 -8.71 -17.74
N GLY C 68 -24.17 -8.42 -18.63
CA GLY C 68 -25.05 -7.28 -18.40
C GLY C 68 -24.22 -6.01 -18.32
N THR C 69 -24.40 -5.28 -17.23
CA THR C 69 -23.67 -4.03 -17.03
C THR C 69 -22.24 -4.22 -16.55
N ASP C 70 -21.85 -5.44 -16.22
CA ASP C 70 -20.58 -5.71 -15.56
C ASP C 70 -19.54 -6.14 -16.58
N PHE C 71 -18.45 -5.40 -16.67
CA PHE C 71 -17.36 -5.70 -17.57
C PHE C 71 -16.16 -6.05 -16.72
N THR C 72 -15.44 -7.11 -17.10
N THR C 72 -15.42 -7.06 -17.17
CA THR C 72 -14.31 -7.56 -16.30
CA THR C 72 -14.33 -7.64 -16.39
C THR C 72 -13.07 -7.78 -17.16
C THR C 72 -13.06 -7.72 -17.23
N LEU C 73 -11.94 -7.35 -16.64
CA LEU C 73 -10.62 -7.63 -17.18
C LEU C 73 -9.99 -8.73 -16.34
N THR C 74 -9.54 -9.81 -16.98
CA THR C 74 -8.93 -10.95 -16.30
C THR C 74 -7.50 -11.13 -16.78
N ILE C 75 -6.57 -11.26 -15.84
CA ILE C 75 -5.20 -11.68 -16.13
C ILE C 75 -5.08 -13.09 -15.57
N SER C 76 -4.94 -14.08 -16.45
CA SER C 76 -5.03 -15.46 -16.03
C SER C 76 -3.82 -15.90 -15.20
N SER C 77 -2.65 -15.31 -15.46
CA SER C 77 -1.45 -15.64 -14.70
C SER C 77 -0.57 -14.40 -14.67
N LEU C 78 -0.62 -13.69 -13.55
CA LEU C 78 0.07 -12.41 -13.42
C LEU C 78 1.58 -12.57 -13.62
N GLN C 79 2.15 -11.75 -14.49
CA GLN C 79 3.58 -11.75 -14.75
C GLN C 79 4.22 -10.48 -14.21
N PRO C 80 5.54 -10.48 -13.96
CA PRO C 80 6.13 -9.31 -13.28
C PRO C 80 5.91 -7.99 -14.01
N GLU C 81 5.79 -8.01 -15.33
CA GLU C 81 5.54 -6.77 -16.08
C GLU C 81 4.09 -6.35 -16.06
N ASP C 82 3.21 -7.14 -15.43
CA ASP C 82 1.80 -6.81 -15.36
C ASP C 82 1.45 -5.89 -14.21
N PHE C 83 2.33 -5.67 -13.25
CA PHE C 83 2.01 -4.76 -12.15
C PHE C 83 1.92 -3.34 -12.70
N ALA C 84 0.73 -2.78 -12.63
CA ALA C 84 0.45 -1.47 -13.21
C ALA C 84 -0.91 -1.01 -12.71
N THR C 85 -1.36 0.13 -13.21
CA THR C 85 -2.73 0.56 -13.00
C THR C 85 -3.51 0.28 -14.27
N TYR C 86 -4.75 -0.14 -14.10
CA TYR C 86 -5.63 -0.54 -15.20
C TYR C 86 -6.87 0.35 -15.21
N TYR C 87 -7.31 0.75 -16.39
CA TYR C 87 -8.49 1.59 -16.57
C TYR C 87 -9.44 0.96 -17.57
N CYS C 88 -10.73 0.91 -17.23
CA CYS C 88 -11.74 0.68 -18.25
C CYS C 88 -12.19 2.01 -18.86
N GLN C 89 -12.73 1.92 -20.07
CA GLN C 89 -13.24 3.10 -20.77
C GLN C 89 -14.54 2.74 -21.46
N GLN C 90 -15.52 3.63 -21.38
CA GLN C 90 -16.75 3.45 -22.12
C GLN C 90 -16.95 4.62 -23.07
N SER C 91 -17.45 4.33 -24.25
CA SER C 91 -17.77 5.33 -25.24
C SER C 91 -19.26 5.29 -25.55
N SER C 92 -19.84 6.45 -25.69
CA SER C 92 -21.17 6.69 -26.23
C SER C 92 -21.01 7.37 -27.59
N TYR C 93 -22.14 7.76 -28.18
CA TYR C 93 -22.07 8.54 -29.41
C TYR C 93 -21.78 10.01 -29.16
N SER C 94 -21.70 10.43 -27.90
CA SER C 94 -21.45 11.83 -27.58
C SER C 94 -20.49 12.06 -26.43
N LEU C 95 -19.93 11.01 -25.82
CA LEU C 95 -19.23 11.20 -24.57
C LEU C 95 -18.28 10.04 -24.36
N ILE C 96 -17.21 10.30 -23.61
CA ILE C 96 -16.27 9.27 -23.23
C ILE C 96 -16.09 9.31 -21.73
N THR C 97 -15.95 8.14 -21.11
CA THR C 97 -15.71 8.14 -19.68
C THR C 97 -14.77 7.01 -19.32
N PHE C 98 -14.03 7.19 -18.23
CA PHE C 98 -13.10 6.17 -17.73
C PHE C 98 -13.50 5.75 -16.32
N GLY C 99 -13.21 4.48 -16.00
CA GLY C 99 -13.25 4.03 -14.62
C GLY C 99 -12.14 4.68 -13.80
N GLN C 100 -12.27 4.57 -12.48
CA GLN C 100 -11.36 5.32 -11.62
C GLN C 100 -9.97 4.68 -11.52
N GLY C 101 -9.82 3.45 -12.00
CA GLY C 101 -8.52 2.81 -11.99
C GLY C 101 -8.40 1.74 -10.91
N THR C 102 -7.63 0.70 -11.21
CA THR C 102 -7.25 -0.34 -10.26
C THR C 102 -5.73 -0.48 -10.29
N LYS C 103 -5.08 -0.27 -9.16
CA LYS C 103 -3.64 -0.50 -9.06
C LYS C 103 -3.36 -1.96 -8.70
N VAL C 104 -2.51 -2.61 -9.48
CA VAL C 104 -2.11 -3.98 -9.22
C VAL C 104 -0.66 -3.94 -8.74
N GLU C 105 -0.45 -4.24 -7.45
CA GLU C 105 0.83 -4.12 -6.78
C GLU C 105 1.38 -5.49 -6.40
N ILE C 106 2.71 -5.56 -6.29
CA ILE C 106 3.39 -6.81 -5.96
C ILE C 106 3.42 -6.99 -4.45
N LYS C 107 3.10 -8.20 -4.02
CA LYS C 107 2.95 -8.57 -2.61
C LYS C 107 4.27 -8.51 -1.85
N GLY C 109 6.93 -9.42 2.26
CA GLY C 109 6.11 -9.66 1.08
C GLY C 109 6.84 -10.42 0.00
N GLY C 110 6.10 -11.28 -0.71
CA GLY C 110 6.65 -12.03 -1.83
C GLY C 110 7.13 -13.44 -1.51
N GLY C 111 7.10 -13.86 -0.25
CA GLY C 111 7.49 -15.21 0.13
C GLY C 111 8.98 -15.32 0.39
N GLY C 112 9.61 -16.35 -0.19
CA GLY C 112 11.04 -16.51 -0.16
C GLY C 112 11.77 -15.81 -1.29
N GLU C 113 11.05 -15.04 -2.10
CA GLU C 113 11.65 -14.27 -3.17
C GLU C 113 12.37 -13.05 -2.60
N VAL C 114 13.55 -12.75 -3.17
CA VAL C 114 14.33 -11.59 -2.72
C VAL C 114 13.54 -10.32 -3.02
N GLN C 115 13.40 -9.45 -2.00
CA GLN C 115 12.65 -8.22 -2.15
C GLN C 115 13.27 -7.14 -1.27
N LEU C 116 13.30 -5.91 -1.78
CA LEU C 116 13.75 -4.75 -1.02
C LEU C 116 12.68 -3.69 -1.14
N VAL C 117 12.28 -3.12 0.00
CA VAL C 117 11.25 -2.10 0.03
C VAL C 117 11.80 -0.92 0.81
N GLU C 118 12.02 0.19 0.12
CA GLU C 118 12.44 1.42 0.77
C GLU C 118 11.22 2.19 1.25
N SER C 119 11.41 2.92 2.34
CA SER C 119 10.41 3.89 2.79
C SER C 119 11.09 5.04 3.52
N GLY C 120 10.30 6.07 3.83
CA GLY C 120 10.80 7.23 4.54
C GLY C 120 10.92 8.48 3.69
N GLY C 121 10.74 8.38 2.38
CA GLY C 121 10.83 9.55 1.53
C GLY C 121 9.76 10.57 1.85
N GLY C 122 9.97 11.80 1.39
CA GLY C 122 9.03 12.87 1.64
C GLY C 122 9.64 14.21 1.27
N LEU C 123 8.86 15.26 1.51
CA LEU C 123 9.25 16.63 1.19
C LEU C 123 9.77 17.31 2.44
N VAL C 124 10.90 17.99 2.31
CA VAL C 124 11.53 18.65 3.44
C VAL C 124 12.14 19.96 2.98
N GLN C 125 12.22 20.93 3.90
CA GLN C 125 12.88 22.21 3.67
C GLN C 125 14.40 22.03 3.74
N PRO C 126 15.16 22.93 3.12
CA PRO C 126 16.62 22.83 3.22
C PRO C 126 17.05 22.95 4.68
N GLY C 127 18.07 22.18 5.06
CA GLY C 127 18.44 22.03 6.45
C GLY C 127 17.69 20.93 7.19
N GLY C 128 16.67 20.35 6.58
CA GLY C 128 15.88 19.37 7.28
C GLY C 128 16.56 18.01 7.27
N SER C 129 15.86 17.02 7.83
N SER C 129 15.86 17.03 7.83
CA SER C 129 16.39 15.69 8.04
CA SER C 129 16.43 15.69 7.93
C SER C 129 15.34 14.64 7.72
C SER C 129 15.36 14.63 7.72
N LEU C 130 15.81 13.46 7.28
CA LEU C 130 14.95 12.31 7.02
C LEU C 130 15.73 11.04 7.35
N ARG C 131 15.00 9.97 7.66
CA ARG C 131 15.64 8.67 7.87
C ARG C 131 14.95 7.67 6.97
N LEU C 132 15.68 7.19 5.96
CA LEU C 132 15.14 6.19 5.05
C LEU C 132 15.32 4.79 5.63
N SER C 133 14.38 3.90 5.34
CA SER C 133 14.54 2.51 5.73
C SER C 133 14.42 1.63 4.49
N CYS C 134 15.10 0.49 4.54
CA CYS C 134 15.08 -0.51 3.47
C CYS C 134 14.88 -1.87 4.13
N ALA C 135 13.70 -2.43 3.94
CA ALA C 135 13.34 -3.67 4.60
C ALA C 135 13.60 -4.82 3.63
N ALA C 136 14.39 -5.79 4.07
CA ALA C 136 14.81 -6.89 3.21
C ALA C 136 13.97 -8.12 3.48
N SER C 137 13.61 -8.84 2.41
CA SER C 137 12.92 -10.12 2.53
C SER C 137 13.54 -11.12 1.55
N GLY C 138 13.53 -12.40 1.95
CA GLY C 138 14.08 -13.48 1.15
C GLY C 138 15.55 -13.77 1.34
N PHE C 139 16.21 -13.06 2.26
CA PHE C 139 17.62 -13.20 2.55
C PHE C 139 17.91 -12.39 3.82
N ASN C 140 19.00 -12.77 4.49
N ASN C 140 19.00 -12.77 4.49
CA ASN C 140 19.47 -12.05 5.66
CA ASN C 140 19.46 -12.04 5.66
C ASN C 140 20.52 -11.01 5.23
C ASN C 140 20.50 -11.00 5.22
N LEU C 141 20.23 -9.73 5.48
CA LEU C 141 21.21 -8.71 5.13
C LEU C 141 22.45 -8.76 6.02
N ARG C 142 22.45 -9.56 7.09
CA ARG C 142 23.68 -9.71 7.88
C ARG C 142 24.83 -10.24 7.01
N SER C 143 24.54 -10.98 5.94
CA SER C 143 25.57 -11.64 5.14
C SER C 143 25.96 -10.88 3.88
N TYR C 144 25.45 -9.67 3.66
CA TYR C 144 25.66 -8.98 2.40
C TYR C 144 26.04 -7.53 2.64
N TYR C 145 26.84 -6.98 1.74
CA TYR C 145 26.94 -5.52 1.67
C TYR C 145 25.60 -4.97 1.20
N MET C 146 25.21 -3.85 1.79
CA MET C 146 24.00 -3.13 1.41
C MET C 146 24.39 -1.74 0.92
N HIS C 147 23.72 -1.26 -0.13
CA HIS C 147 24.03 0.02 -0.75
C HIS C 147 22.81 0.93 -0.79
N TRP C 148 23.07 2.23 -0.76
CA TRP C 148 22.09 3.25 -1.14
C TRP C 148 22.60 3.95 -2.39
N VAL C 149 21.71 4.11 -3.38
CA VAL C 149 22.02 4.78 -4.63
C VAL C 149 20.86 5.72 -4.95
N ARG C 150 21.17 6.93 -5.43
CA ARG C 150 20.12 7.91 -5.66
C ARG C 150 20.16 8.41 -7.11
N GLN C 151 19.04 8.97 -7.57
CA GLN C 151 18.91 9.43 -8.95
C GLN C 151 18.06 10.69 -8.92
N ALA C 152 18.69 11.84 -9.19
CA ALA C 152 17.94 13.08 -9.29
C ALA C 152 17.06 13.04 -10.53
N PRO C 153 15.94 13.76 -10.54
CA PRO C 153 14.98 13.62 -11.65
C PRO C 153 15.63 13.95 -12.99
N GLY C 154 15.48 13.05 -13.96
CA GLY C 154 16.09 13.23 -15.27
C GLY C 154 17.59 13.05 -15.35
N LYS C 155 18.27 12.72 -14.25
CA LYS C 155 19.72 12.59 -14.19
C LYS C 155 20.15 11.12 -13.94
N GLY C 156 21.45 10.92 -13.73
CA GLY C 156 22.01 9.58 -13.65
C GLY C 156 22.04 8.99 -12.23
N LEU C 157 22.43 7.72 -12.17
CA LEU C 157 22.64 7.05 -10.90
C LEU C 157 23.84 7.65 -10.17
N GLU C 158 23.71 7.79 -8.86
CA GLU C 158 24.80 8.27 -8.01
C GLU C 158 24.86 7.44 -6.74
N TRP C 159 25.98 6.74 -6.54
CA TRP C 159 26.20 5.99 -5.32
C TRP C 159 26.23 6.92 -4.11
N VAL C 160 25.56 6.53 -3.05
CA VAL C 160 25.45 7.36 -1.84
C VAL C 160 26.31 6.79 -0.70
N ALA C 161 26.15 5.51 -0.39
CA ALA C 161 26.79 4.93 0.78
C ALA C 161 26.66 3.41 0.72
N SER C 162 27.57 2.74 1.41
CA SER C 162 27.51 1.30 1.55
C SER C 162 27.87 0.90 2.98
N ILE C 163 27.34 -0.23 3.42
CA ILE C 163 27.67 -0.78 4.74
C ILE C 163 27.98 -2.26 4.59
N SER C 164 29.03 -2.72 5.27
CA SER C 164 29.58 -4.06 5.18
C SER C 164 28.92 -5.00 6.18
N PRO C 165 28.95 -6.31 5.90
CA PRO C 165 28.43 -7.29 6.86
C PRO C 165 29.42 -7.59 7.98
N TYR C 166 28.87 -8.06 9.10
CA TYR C 166 29.60 -8.61 10.23
C TYR C 166 30.45 -7.59 10.97
N TYR C 167 30.79 -6.49 10.32
CA TYR C 167 31.73 -5.54 10.89
C TYR C 167 31.22 -4.12 10.83
N SER C 168 30.16 -3.85 10.07
CA SER C 168 29.48 -2.56 10.06
C SER C 168 30.38 -1.41 9.57
N TYR C 169 31.43 -1.72 8.80
CA TYR C 169 32.19 -0.65 8.19
C TYR C 169 31.37 0.07 7.14
N THR C 170 31.48 1.39 7.12
CA THR C 170 30.68 2.25 6.28
C THR C 170 31.56 3.00 5.30
N TYR C 171 30.95 3.37 4.18
CA TYR C 171 31.62 4.00 3.06
C TYR C 171 30.66 5.02 2.48
N TYR C 172 31.17 6.20 2.12
CA TYR C 172 30.30 7.28 1.68
C TYR C 172 30.82 7.99 0.45
N ALA C 173 29.91 8.44 -0.40
CA ALA C 173 30.28 9.36 -1.45
C ALA C 173 30.72 10.70 -0.84
N ASP C 174 31.63 11.39 -1.54
CA ASP C 174 32.12 12.66 -1.03
C ASP C 174 31.00 13.68 -0.90
N SER C 175 30.01 13.61 -1.81
CA SER C 175 28.90 14.56 -1.82
C SER C 175 28.01 14.45 -0.59
N VAL C 176 28.10 13.38 0.21
CA VAL C 176 27.26 13.28 1.41
C VAL C 176 28.07 13.10 2.70
N LYS C 177 29.40 13.11 2.64
CA LYS C 177 30.18 12.97 3.86
C LYS C 177 29.85 14.05 4.88
N GLY C 178 29.77 13.65 6.13
CA GLY C 178 29.45 14.57 7.20
C GLY C 178 27.99 14.85 7.38
N ARG C 179 27.12 14.39 6.48
CA ARG C 179 25.69 14.64 6.52
C ARG C 179 24.84 13.39 6.60
N PHE C 180 25.16 12.33 5.83
CA PHE C 180 24.36 11.12 5.80
C PHE C 180 25.06 10.03 6.61
N THR C 181 24.29 9.16 7.26
CA THR C 181 24.86 8.01 7.96
C THR C 181 24.10 6.76 7.52
N ILE C 182 24.81 5.73 7.10
CA ILE C 182 24.21 4.43 6.79
C ILE C 182 24.38 3.50 7.98
N SER C 183 23.37 2.68 8.26
CA SER C 183 23.42 1.71 9.34
C SER C 183 22.54 0.50 8.97
N ALA C 184 22.62 -0.54 9.80
CA ALA C 184 21.77 -1.70 9.58
C ALA C 184 21.38 -2.33 10.91
N ASP C 185 20.18 -2.90 10.95
CA ASP C 185 19.66 -3.62 12.11
C ASP C 185 19.36 -5.05 11.67
N THR C 186 20.27 -5.97 11.98
CA THR C 186 20.12 -7.34 11.52
C THR C 186 18.90 -8.01 12.13
N SER C 187 18.57 -7.67 13.38
CA SER C 187 17.41 -8.27 14.04
C SER C 187 16.11 -7.87 13.35
N LYS C 188 16.08 -6.74 12.65
CA LYS C 188 14.92 -6.35 11.87
C LYS C 188 15.14 -6.57 10.39
N ASN C 189 16.31 -7.06 9.99
CA ASN C 189 16.63 -7.27 8.58
C ASN C 189 16.35 -6.03 7.75
N THR C 190 16.86 -4.89 8.23
CA THR C 190 16.55 -3.59 7.67
C THR C 190 17.82 -2.74 7.61
N ALA C 191 17.99 -2.01 6.51
CA ALA C 191 19.07 -1.06 6.36
C ALA C 191 18.48 0.35 6.45
N TYR C 192 19.30 1.33 6.86
CA TYR C 192 18.85 2.70 7.06
C TYR C 192 19.80 3.74 6.47
N LEU C 193 19.25 4.88 6.10
CA LEU C 193 20.05 6.02 5.65
C LEU C 193 19.54 7.23 6.43
N GLN C 194 20.34 7.69 7.39
CA GLN C 194 20.00 8.90 8.14
C GLN C 194 20.52 10.10 7.35
N MET C 195 19.61 10.99 6.94
CA MET C 195 19.97 12.11 6.09
C MET C 195 19.77 13.41 6.84
N ASN C 196 20.86 14.04 7.23
CA ASN C 196 20.86 15.33 7.92
C ASN C 196 21.29 16.43 6.96
N SER C 197 20.96 17.68 7.32
CA SER C 197 21.42 18.85 6.58
C SER C 197 21.10 18.78 5.10
N LEU C 198 19.85 18.45 4.79
CA LEU C 198 19.48 18.24 3.40
C LEU C 198 19.54 19.56 2.65
N ARG C 199 19.92 19.49 1.38
N ARG C 199 19.91 19.48 1.38
CA ARG C 199 19.92 20.64 0.50
CA ARG C 199 19.96 20.61 0.47
C ARG C 199 19.15 20.26 -0.77
C ARG C 199 19.20 20.25 -0.80
N ALA C 200 18.87 21.28 -1.59
CA ALA C 200 18.03 21.08 -2.77
C ALA C 200 18.58 20.01 -3.70
N GLU C 201 19.91 19.91 -3.80
CA GLU C 201 20.53 18.96 -4.71
C GLU C 201 20.39 17.52 -4.23
N ASP C 202 19.93 17.30 -3.00
CA ASP C 202 19.67 15.94 -2.51
C ASP C 202 18.33 15.39 -2.99
N THR C 203 17.53 16.21 -3.65
CA THR C 203 16.28 15.76 -4.24
C THR C 203 16.53 14.65 -5.24
N ALA C 204 15.87 13.52 -5.05
CA ALA C 204 16.15 12.35 -5.87
C ALA C 204 15.24 11.22 -5.42
N VAL C 205 15.21 10.17 -6.24
CA VAL C 205 14.71 8.87 -5.83
C VAL C 205 15.88 8.13 -5.20
N TYR C 206 15.67 7.60 -4.00
CA TYR C 206 16.70 6.86 -3.27
C TYR C 206 16.37 5.37 -3.34
N TYR C 207 17.31 4.61 -3.89
CA TYR C 207 17.18 3.15 -4.00
C TYR C 207 18.11 2.49 -3.00
N CYS C 208 17.64 1.43 -2.37
N CYS C 208 17.64 1.41 -2.41
CA CYS C 208 18.55 0.53 -1.67
CA CYS C 208 18.50 0.52 -1.66
C CYS C 208 18.77 -0.69 -2.55
C CYS C 208 18.75 -0.71 -2.52
N ALA C 209 19.95 -1.27 -2.46
CA ALA C 209 20.35 -2.37 -3.34
C ALA C 209 21.22 -3.36 -2.59
N ARG C 210 21.11 -4.64 -2.95
CA ARG C 210 21.93 -5.68 -2.35
C ARG C 210 23.18 -5.95 -3.21
N HIS C 211 24.29 -6.18 -2.53
CA HIS C 211 25.56 -6.47 -3.20
C HIS C 211 25.57 -7.91 -3.69
N GLY C 212 26.03 -8.10 -4.91
CA GLY C 212 26.32 -9.44 -5.37
C GLY C 212 27.19 -9.39 -6.61
N TYR C 213 28.25 -10.19 -6.65
CA TYR C 213 29.12 -10.28 -7.83
C TYR C 213 29.87 -8.96 -8.12
N GLY C 214 30.32 -8.28 -7.07
CA GLY C 214 30.96 -6.99 -7.29
C GLY C 214 30.02 -5.97 -7.88
N ALA C 215 28.71 -6.20 -7.80
CA ALA C 215 27.69 -5.42 -8.47
C ALA C 215 26.49 -5.33 -7.52
N MET C 216 25.36 -4.89 -8.06
CA MET C 216 24.14 -4.68 -7.28
C MET C 216 23.04 -5.50 -7.93
N ASP C 217 22.73 -6.68 -7.38
CA ASP C 217 21.91 -7.61 -8.15
C ASP C 217 20.42 -7.44 -7.90
N TYR C 218 20.02 -6.97 -6.73
CA TYR C 218 18.62 -6.75 -6.41
C TYR C 218 18.43 -5.32 -5.92
N TRP C 219 17.33 -4.71 -6.36
CA TRP C 219 17.08 -3.30 -6.11
C TRP C 219 15.65 -3.11 -5.62
N GLY C 220 15.46 -2.11 -4.77
CA GLY C 220 14.13 -1.70 -4.39
C GLY C 220 13.47 -0.84 -5.44
N GLN C 221 12.23 -0.48 -5.16
CA GLN C 221 11.46 0.38 -6.06
C GLN C 221 11.84 1.84 -5.90
N GLY C 222 12.53 2.19 -4.83
CA GLY C 222 12.96 3.55 -4.57
C GLY C 222 11.92 4.36 -3.81
N THR C 223 12.40 5.35 -3.07
CA THR C 223 11.56 6.28 -2.34
C THR C 223 11.97 7.72 -2.69
N LEU C 224 10.99 8.58 -2.99
CA LEU C 224 11.29 9.93 -3.44
C LEU C 224 11.55 10.86 -2.27
N VAL C 225 12.64 11.61 -2.35
CA VAL C 225 12.98 12.65 -1.40
C VAL C 225 12.98 13.97 -2.16
N THR C 226 12.18 14.94 -1.70
CA THR C 226 12.19 16.27 -2.30
C THR C 226 12.63 17.29 -1.25
N VAL C 227 13.67 18.04 -1.57
CA VAL C 227 14.15 19.10 -0.69
C VAL C 227 13.88 20.42 -1.40
N SER C 228 12.93 21.18 -0.87
CA SER C 228 12.52 22.42 -1.53
C SER C 228 12.16 23.48 -0.50
N SER C 229 12.63 24.71 -0.75
CA SER C 229 12.36 25.87 0.11
C SER C 229 10.88 26.26 0.08
N ASP D 1 39.27 6.81 -5.83
CA ASP D 1 40.34 6.26 -6.66
C ASP D 1 39.81 5.66 -7.96
N ILE D 2 38.54 5.89 -8.25
CA ILE D 2 37.91 5.41 -9.48
C ILE D 2 37.06 6.53 -10.08
N GLN D 3 36.96 6.51 -11.40
CA GLN D 3 36.18 7.50 -12.14
C GLN D 3 35.85 6.93 -13.51
N MET D 4 34.59 7.02 -13.90
CA MET D 4 34.11 6.45 -15.16
C MET D 4 33.55 7.57 -16.04
N THR D 5 34.04 7.66 -17.27
CA THR D 5 33.51 8.55 -18.30
C THR D 5 32.79 7.69 -19.34
N GLN D 6 31.47 7.86 -19.44
CA GLN D 6 30.62 7.03 -20.29
C GLN D 6 30.25 7.78 -21.56
N SER D 7 30.27 7.07 -22.68
CA SER D 7 30.01 7.66 -23.98
C SER D 7 29.28 6.68 -24.89
N PRO D 8 28.35 7.16 -25.74
CA PRO D 8 27.84 8.54 -25.84
C PRO D 8 26.83 8.84 -24.75
N SER D 9 26.35 10.07 -24.59
CA SER D 9 25.29 10.31 -23.60
C SER D 9 23.92 9.93 -24.15
N SER D 10 23.75 9.92 -25.47
CA SER D 10 22.53 9.39 -26.09
C SER D 10 22.83 8.98 -27.52
N LEU D 11 21.97 8.11 -28.06
CA LEU D 11 22.11 7.67 -29.45
C LEU D 11 20.77 7.18 -29.96
N SER D 12 20.54 7.37 -31.25
CA SER D 12 19.33 6.93 -31.94
C SER D 12 19.68 5.76 -32.84
N ALA D 13 18.88 4.70 -32.77
CA ALA D 13 19.15 3.51 -33.54
C ALA D 13 17.82 2.85 -33.90
N SER D 14 17.89 1.88 -34.80
CA SER D 14 16.74 1.09 -35.19
C SER D 14 16.86 -0.32 -34.63
N VAL D 15 15.69 -0.97 -34.54
CA VAL D 15 15.63 -2.39 -34.20
C VAL D 15 16.48 -3.17 -35.18
N GLY D 16 17.30 -4.10 -34.66
CA GLY D 16 18.22 -4.86 -35.49
C GLY D 16 19.62 -4.27 -35.60
N ASP D 17 19.81 -3.02 -35.15
CA ASP D 17 21.13 -2.40 -35.16
C ASP D 17 22.03 -3.01 -34.09
N ARG D 18 23.33 -3.00 -34.36
CA ARG D 18 24.34 -3.31 -33.35
C ARG D 18 24.71 -2.01 -32.65
N VAL D 19 24.65 -2.01 -31.32
CA VAL D 19 24.85 -0.81 -30.50
C VAL D 19 26.00 -1.07 -29.55
N THR D 20 26.94 -0.12 -29.45
CA THR D 20 28.02 -0.23 -28.47
C THR D 20 28.12 1.04 -27.62
N ILE D 21 28.35 0.83 -26.32
CA ILE D 21 28.45 1.90 -25.31
C ILE D 21 29.75 1.70 -24.55
N THR D 22 30.50 2.79 -24.35
CA THR D 22 31.82 2.68 -23.75
C THR D 22 31.87 3.41 -22.42
N CYS D 23 32.66 2.89 -21.49
CA CYS D 23 33.00 3.55 -20.25
C CYS D 23 34.51 3.48 -20.06
N ARG D 24 35.15 4.62 -19.95
CA ARG D 24 36.59 4.68 -19.74
C ARG D 24 36.89 4.90 -18.26
N ALA D 25 37.67 4.01 -17.68
CA ALA D 25 38.08 4.12 -16.28
C ALA D 25 39.34 4.98 -16.21
N SER D 26 39.19 6.20 -15.67
CA SER D 26 40.20 7.26 -15.75
C SER D 26 41.26 7.17 -14.66
N GLN D 27 41.09 6.29 -13.68
CA GLN D 27 41.93 6.21 -12.49
C GLN D 27 42.21 4.72 -12.33
N SER D 28 42.36 4.21 -11.11
CA SER D 28 42.59 2.78 -10.93
C SER D 28 41.58 1.95 -11.72
N VAL D 29 42.00 0.74 -12.10
CA VAL D 29 41.20 -0.12 -12.96
C VAL D 29 41.25 -1.56 -12.42
N SER D 30 40.13 -2.26 -12.55
CA SER D 30 40.08 -3.67 -12.24
C SER D 30 39.01 -4.30 -13.13
N SER D 31 38.73 -5.58 -12.90
CA SER D 31 37.66 -6.26 -13.62
C SER D 31 36.29 -5.97 -13.03
N ALA D 32 36.23 -5.19 -11.94
CA ALA D 32 35.00 -4.98 -11.19
C ALA D 32 34.15 -3.87 -11.83
N VAL D 33 33.75 -4.14 -13.07
CA VAL D 33 32.88 -3.23 -13.83
C VAL D 33 31.59 -3.98 -14.14
N ALA D 34 30.46 -3.30 -13.93
CA ALA D 34 29.15 -3.88 -14.19
C ALA D 34 28.36 -2.94 -15.08
N TRP D 35 27.31 -3.48 -15.70
CA TRP D 35 26.46 -2.72 -16.61
C TRP D 35 25.00 -2.96 -16.24
N TYR D 36 24.21 -1.91 -16.31
CA TYR D 36 22.81 -1.93 -15.91
C TYR D 36 21.96 -1.31 -17.00
N GLN D 37 20.73 -1.81 -17.10
CA GLN D 37 19.66 -1.22 -17.89
C GLN D 37 18.62 -0.57 -16.98
N GLN D 38 18.10 0.58 -17.40
CA GLN D 38 17.02 1.19 -16.64
C GLN D 38 15.98 1.78 -17.57
N LYS D 39 14.76 1.41 -17.37
CA LYS D 39 13.61 1.91 -18.11
C LYS D 39 12.92 2.97 -17.30
N PRO D 40 12.19 3.87 -17.95
CA PRO D 40 11.54 4.96 -17.23
C PRO D 40 10.65 4.44 -16.12
N GLY D 41 10.84 4.98 -14.91
CA GLY D 41 9.98 4.64 -13.81
C GLY D 41 10.33 3.37 -13.09
N LYS D 42 11.44 2.74 -13.42
CA LYS D 42 11.83 1.48 -12.82
C LYS D 42 13.26 1.57 -12.30
N ALA D 43 13.55 0.72 -11.32
CA ALA D 43 14.89 0.60 -10.81
C ALA D 43 15.79 -0.03 -11.86
N PRO D 44 17.10 0.17 -11.72
CA PRO D 44 18.04 -0.48 -12.63
C PRO D 44 18.02 -1.99 -12.51
N LYS D 45 18.40 -2.66 -13.60
CA LYS D 45 18.52 -4.13 -13.67
C LYS D 45 19.94 -4.48 -14.09
N LEU D 46 20.56 -5.40 -13.37
CA LEU D 46 21.94 -5.81 -13.68
C LEU D 46 22.00 -6.64 -14.97
N LEU D 47 22.91 -6.29 -15.87
CA LEU D 47 23.08 -7.06 -17.11
C LEU D 47 24.34 -7.90 -17.12
N ILE D 48 25.45 -7.30 -16.72
CA ILE D 48 26.78 -7.89 -16.83
C ILE D 48 27.57 -7.49 -15.60
N TYR D 49 28.41 -8.39 -15.10
CA TYR D 49 29.27 -8.11 -13.95
C TYR D 49 30.65 -8.67 -14.25
N SER D 50 31.65 -8.22 -13.46
CA SER D 50 33.06 -8.60 -13.70
C SER D 50 33.48 -8.41 -15.16
N ALA D 51 32.99 -7.33 -15.77
CA ALA D 51 33.25 -6.82 -17.11
C ALA D 51 32.67 -7.66 -18.25
N SER D 52 32.49 -8.97 -18.05
CA SER D 52 32.06 -9.85 -19.15
C SER D 52 31.08 -10.94 -18.74
N SER D 53 30.78 -11.11 -17.45
CA SER D 53 29.91 -12.20 -17.04
C SER D 53 28.46 -11.77 -17.25
N LEU D 54 27.70 -12.59 -17.95
CA LEU D 54 26.29 -12.31 -18.21
C LEU D 54 25.45 -12.74 -17.01
N TYR D 55 24.65 -11.82 -16.48
CA TYR D 55 23.83 -12.13 -15.31
C TYR D 55 22.71 -13.09 -15.71
N SER D 56 22.43 -14.04 -14.83
CA SER D 56 21.42 -15.07 -15.09
C SER D 56 20.10 -14.45 -15.54
N GLY D 57 19.55 -14.97 -16.64
CA GLY D 57 18.31 -14.48 -17.20
C GLY D 57 18.43 -13.36 -18.23
N VAL D 58 19.61 -12.76 -18.39
CA VAL D 58 19.78 -11.68 -19.36
C VAL D 58 20.02 -12.28 -20.74
N PRO D 59 19.41 -11.76 -21.80
CA PRO D 59 19.59 -12.37 -23.13
C PRO D 59 21.04 -12.29 -23.59
N SER D 60 21.44 -13.31 -24.36
CA SER D 60 22.82 -13.42 -24.83
C SER D 60 23.21 -12.32 -25.82
N ARG D 61 22.25 -11.58 -26.38
CA ARG D 61 22.62 -10.46 -27.24
C ARG D 61 23.34 -9.33 -26.50
N PHE D 62 23.33 -9.33 -25.15
CA PHE D 62 24.11 -8.38 -24.36
C PHE D 62 25.48 -9.00 -24.03
N SER D 63 26.56 -8.24 -24.25
CA SER D 63 27.89 -8.70 -23.88
C SER D 63 28.76 -7.53 -23.44
N GLY D 64 29.73 -7.85 -22.59
CA GLY D 64 30.66 -6.87 -22.06
C GLY D 64 32.09 -7.19 -22.45
N SER D 65 32.86 -6.16 -22.73
CA SER D 65 34.22 -6.28 -23.21
C SER D 65 35.10 -5.31 -22.45
N ARG D 66 36.40 -5.50 -22.60
CA ARG D 66 37.37 -4.58 -22.04
C ARG D 66 38.60 -4.58 -22.94
N SER D 67 39.13 -3.39 -23.19
CA SER D 67 40.45 -3.22 -23.80
C SER D 67 41.11 -2.08 -23.05
N GLY D 68 42.07 -2.41 -22.19
CA GLY D 68 42.77 -1.40 -21.42
C GLY D 68 41.87 -0.75 -20.41
N THR D 69 41.76 0.57 -20.48
CA THR D 69 40.90 1.30 -19.57
C THR D 69 39.46 1.39 -20.06
N ASP D 70 39.16 0.85 -21.26
CA ASP D 70 37.87 1.03 -21.91
C ASP D 70 37.02 -0.24 -21.77
N PHE D 71 35.86 -0.09 -21.16
CA PHE D 71 34.87 -1.15 -21.02
C PHE D 71 33.68 -0.85 -21.93
N THR D 72 33.19 -1.87 -22.63
N THR D 72 33.18 -1.88 -22.60
CA THR D 72 32.12 -1.67 -23.60
CA THR D 72 32.13 -1.70 -23.61
C THR D 72 30.98 -2.64 -23.36
C THR D 72 30.97 -2.65 -23.39
N LEU D 73 29.76 -2.13 -23.53
CA LEU D 73 28.55 -2.93 -23.55
C LEU D 73 28.07 -3.00 -25.00
N THR D 74 27.89 -4.20 -25.51
CA THR D 74 27.45 -4.39 -26.89
C THR D 74 26.09 -5.08 -26.87
N ILE D 75 25.16 -4.54 -27.66
CA ILE D 75 23.87 -5.18 -27.91
C ILE D 75 23.92 -5.62 -29.37
N SER D 76 24.03 -6.92 -29.60
CA SER D 76 24.35 -7.41 -30.95
C SER D 76 23.23 -7.09 -31.94
N SER D 77 21.97 -7.11 -31.49
CA SER D 77 20.85 -6.76 -32.35
C SER D 77 19.77 -6.17 -31.47
N LEU D 78 19.60 -4.85 -31.56
CA LEU D 78 18.66 -4.11 -30.71
C LEU D 78 17.24 -4.61 -30.94
N GLN D 79 16.55 -4.91 -29.84
CA GLN D 79 15.15 -5.32 -29.85
C GLN D 79 14.27 -4.20 -29.32
N PRO D 80 12.98 -4.20 -29.64
CA PRO D 80 12.13 -3.08 -29.21
C PRO D 80 12.15 -2.86 -27.71
N GLU D 81 12.26 -3.93 -26.92
CA GLU D 81 12.32 -3.78 -25.47
C GLU D 81 13.67 -3.27 -24.96
N ASP D 82 14.66 -3.11 -25.83
CA ASP D 82 15.99 -2.68 -25.39
C ASP D 82 16.16 -1.17 -25.36
N PHE D 83 15.20 -0.40 -25.86
CA PHE D 83 15.31 1.05 -25.79
C PHE D 83 15.13 1.51 -24.34
N ALA D 84 16.16 2.14 -23.79
CA ALA D 84 16.31 2.37 -22.36
C ALA D 84 17.57 3.17 -22.07
N THR D 85 17.87 3.46 -20.81
CA THR D 85 19.14 4.06 -20.44
C THR D 85 20.04 3.00 -19.84
N TYR D 86 21.34 3.08 -20.14
CA TYR D 86 22.33 2.11 -19.70
C TYR D 86 23.42 2.80 -18.91
N TYR D 87 23.87 2.14 -17.84
CA TYR D 87 24.88 2.70 -16.96
C TYR D 87 25.98 1.68 -16.71
N CYS D 88 27.23 2.14 -16.73
CA CYS D 88 28.31 1.32 -16.18
C CYS D 88 28.51 1.68 -14.71
N GLN D 89 29.01 0.69 -13.96
CA GLN D 89 29.44 0.85 -12.56
C GLN D 89 30.86 0.33 -12.44
N GLN D 90 31.69 1.04 -11.67
CA GLN D 90 32.99 0.52 -11.28
C GLN D 90 33.09 0.58 -9.76
N SER D 91 33.73 -0.44 -9.18
CA SER D 91 33.99 -0.46 -7.75
C SER D 91 35.48 -0.59 -7.48
N SER D 92 35.90 -0.03 -6.36
CA SER D 92 37.22 -0.25 -5.78
C SER D 92 37.00 -0.88 -4.41
N TYR D 93 38.06 -0.94 -3.62
CA TYR D 93 37.87 -1.44 -2.27
C TYR D 93 37.34 -0.36 -1.33
N SER D 94 37.20 0.88 -1.80
CA SER D 94 36.75 1.97 -0.95
C SER D 94 35.63 2.82 -1.56
N LEU D 95 35.27 2.60 -2.82
CA LEU D 95 34.38 3.50 -3.52
C LEU D 95 33.60 2.75 -4.59
N ILE D 96 32.42 3.29 -4.91
CA ILE D 96 31.67 2.89 -6.09
C ILE D 96 31.41 4.14 -6.92
N THR D 97 31.42 4.00 -8.24
CA THR D 97 31.04 5.11 -9.09
C THR D 97 30.22 4.58 -10.26
N PHE D 98 29.31 5.42 -10.79
CA PHE D 98 28.54 5.09 -11.98
C PHE D 98 28.93 6.02 -13.13
N GLY D 99 28.96 5.47 -14.35
CA GLY D 99 29.05 6.34 -15.51
C GLY D 99 27.80 7.21 -15.61
N GLN D 100 27.89 8.24 -16.46
CA GLN D 100 26.82 9.23 -16.55
C GLN D 100 25.59 8.75 -17.29
N GLY D 101 25.67 7.62 -17.97
CA GLY D 101 24.50 7.00 -18.59
C GLY D 101 24.46 7.24 -20.09
N THR D 102 23.82 6.31 -20.80
CA THR D 102 23.59 6.41 -22.23
C THR D 102 22.12 6.13 -22.50
N LYS D 103 21.40 7.09 -23.04
CA LYS D 103 20.03 6.85 -23.46
C LYS D 103 20.04 6.31 -24.89
N VAL D 104 19.46 5.12 -25.07
CA VAL D 104 19.28 4.50 -26.38
C VAL D 104 17.83 4.72 -26.79
N GLU D 105 17.61 5.50 -27.84
CA GLU D 105 16.27 5.95 -28.23
C GLU D 105 15.94 5.56 -29.66
N ILE D 106 14.65 5.55 -29.96
CA ILE D 106 14.16 5.32 -31.32
C ILE D 106 14.33 6.58 -32.16
N LYS D 107 14.47 6.38 -33.46
CA LYS D 107 14.59 7.48 -34.42
C LYS D 107 13.32 8.30 -34.48
N GLY D 111 10.35 6.99 -39.02
CA GLY D 111 9.47 7.13 -40.16
C GLY D 111 8.52 5.95 -40.30
N GLY D 112 7.36 6.18 -40.90
CA GLY D 112 6.36 5.15 -41.10
C GLY D 112 5.54 4.85 -39.86
N GLU D 113 6.20 4.79 -38.71
CA GLU D 113 5.54 4.44 -37.46
C GLU D 113 4.61 5.57 -37.01
N VAL D 114 3.49 5.19 -36.40
CA VAL D 114 2.58 6.17 -35.81
C VAL D 114 3.21 6.78 -34.56
N GLN D 115 3.24 8.10 -34.49
CA GLN D 115 3.78 8.81 -33.32
C GLN D 115 2.90 10.01 -33.04
N LEU D 116 2.74 10.32 -31.75
CA LEU D 116 2.09 11.54 -31.29
C LEU D 116 3.01 12.21 -30.30
N VAL D 117 3.18 13.53 -30.43
CA VAL D 117 4.09 14.32 -29.61
C VAL D 117 3.35 15.56 -29.14
N GLU D 118 3.02 15.62 -27.85
CA GLU D 118 2.37 16.80 -27.28
C GLU D 118 3.40 17.86 -26.91
N SER D 119 2.96 19.11 -26.92
CA SER D 119 3.80 20.22 -26.46
C SER D 119 2.91 21.37 -26.03
N GLY D 120 3.53 22.36 -25.40
CA GLY D 120 2.82 23.55 -24.99
C GLY D 120 2.49 23.60 -23.51
N GLY D 121 2.83 22.57 -22.74
CA GLY D 121 2.56 22.61 -21.32
C GLY D 121 3.42 23.63 -20.59
N GLY D 122 2.94 24.05 -19.44
CA GLY D 122 3.71 24.97 -18.63
C GLY D 122 2.94 25.39 -17.40
N LEU D 123 3.46 26.40 -16.72
CA LEU D 123 2.92 26.80 -15.44
C LEU D 123 2.23 28.14 -15.65
N VAL D 124 0.96 28.25 -15.20
CA VAL D 124 0.21 29.49 -15.23
C VAL D 124 -0.48 29.70 -13.89
N GLN D 125 -0.98 30.92 -13.71
CA GLN D 125 -1.80 31.31 -12.57
C GLN D 125 -3.26 31.05 -12.91
N PRO D 126 -4.14 30.97 -11.91
CA PRO D 126 -5.56 30.86 -12.20
C PRO D 126 -6.04 32.03 -13.07
N GLY D 127 -6.88 31.71 -14.05
CA GLY D 127 -7.32 32.69 -15.04
C GLY D 127 -6.43 32.74 -16.28
N GLY D 128 -5.28 32.07 -16.25
CA GLY D 128 -4.38 32.08 -17.38
C GLY D 128 -4.80 31.12 -18.46
N SER D 129 -3.97 31.06 -19.51
CA SER D 129 -4.30 30.29 -20.70
C SER D 129 -3.04 29.66 -21.25
N LEU D 130 -3.25 28.55 -21.98
CA LEU D 130 -2.21 27.81 -22.68
C LEU D 130 -2.82 27.22 -23.96
N ARG D 131 -1.98 27.02 -24.96
CA ARG D 131 -2.36 26.25 -26.13
C ARG D 131 -1.48 25.01 -26.20
N LEU D 132 -2.09 23.84 -26.15
CA LEU D 132 -1.37 22.59 -26.32
C LEU D 132 -1.46 22.18 -27.79
N SER D 133 -0.40 21.57 -28.29
CA SER D 133 -0.42 21.04 -29.64
C SER D 133 0.03 19.59 -29.62
N CYS D 134 -0.46 18.85 -30.59
CA CYS D 134 -0.23 17.42 -30.71
C CYS D 134 0.18 17.17 -32.16
N ALA D 135 1.47 16.99 -32.40
CA ALA D 135 1.98 16.78 -33.74
C ALA D 135 1.93 15.29 -34.07
N ALA D 136 1.22 14.94 -35.14
CA ALA D 136 1.05 13.56 -35.57
C ALA D 136 1.94 13.25 -36.76
N SER D 137 2.52 12.05 -36.76
CA SER D 137 3.19 11.51 -37.93
C SER D 137 2.87 10.03 -38.05
N GLY D 138 3.00 9.52 -39.27
CA GLY D 138 2.67 8.14 -39.55
C GLY D 138 1.26 7.89 -40.02
N PHE D 139 0.40 8.91 -40.02
CA PHE D 139 -0.99 8.72 -40.42
C PHE D 139 -1.60 10.09 -40.72
N ASN D 140 -2.72 10.08 -41.43
CA ASN D 140 -3.44 11.31 -41.74
C ASN D 140 -4.42 11.64 -40.62
N LEU D 141 -4.08 12.69 -39.84
CA LEU D 141 -4.93 13.07 -38.73
C LEU D 141 -6.35 13.41 -39.18
N ARG D 142 -6.50 13.95 -40.38
CA ARG D 142 -7.82 14.31 -40.89
C ARG D 142 -8.78 13.12 -40.96
N SER D 143 -8.26 11.88 -41.05
CA SER D 143 -9.10 10.70 -41.19
C SER D 143 -9.57 10.08 -39.88
N TYR D 144 -9.16 10.61 -38.72
CA TYR D 144 -9.48 9.96 -37.46
C TYR D 144 -10.08 10.94 -36.49
N TYR D 145 -10.82 10.41 -35.52
CA TYR D 145 -11.08 11.17 -34.30
C TYR D 145 -9.79 11.27 -33.50
N MET D 146 -9.50 12.48 -33.02
CA MET D 146 -8.45 12.82 -32.07
C MET D 146 -9.02 13.20 -30.71
N HIS D 147 -8.34 12.81 -29.63
CA HIS D 147 -8.80 13.06 -28.28
C HIS D 147 -7.73 13.74 -27.46
N TRP D 148 -8.18 14.52 -26.49
CA TRP D 148 -7.34 14.95 -25.39
C TRP D 148 -7.87 14.29 -24.12
N VAL D 149 -6.95 13.69 -23.36
CA VAL D 149 -7.22 13.06 -22.07
C VAL D 149 -6.20 13.60 -21.07
N ARG D 150 -6.63 13.85 -19.84
CA ARG D 150 -5.72 14.37 -18.85
C ARG D 150 -5.73 13.51 -17.60
N GLN D 151 -4.66 13.64 -16.82
CA GLN D 151 -4.53 12.87 -15.60
C GLN D 151 -3.89 13.75 -14.53
N ALA D 152 -4.68 14.16 -13.54
CA ALA D 152 -4.15 14.93 -12.42
C ALA D 152 -3.16 14.08 -11.62
N PRO D 153 -2.18 14.69 -10.96
CA PRO D 153 -1.13 13.89 -10.30
C PRO D 153 -1.73 12.96 -9.27
N GLY D 154 -1.32 11.68 -9.33
CA GLY D 154 -1.84 10.66 -8.45
C GLY D 154 -3.26 10.19 -8.73
N LYS D 155 -3.93 10.70 -9.76
CA LYS D 155 -5.34 10.41 -10.00
C LYS D 155 -5.53 9.68 -11.33
N GLY D 156 -6.80 9.50 -11.72
CA GLY D 156 -7.14 8.70 -12.87
C GLY D 156 -7.16 9.49 -14.17
N LEU D 157 -7.54 8.79 -15.24
CA LEU D 157 -7.70 9.39 -16.55
C LEU D 157 -9.07 10.05 -16.67
N GLU D 158 -9.10 11.24 -17.27
CA GLU D 158 -10.32 11.99 -17.48
C GLU D 158 -10.33 12.47 -18.92
N TRP D 159 -11.34 12.06 -19.67
CA TRP D 159 -11.52 12.57 -21.02
C TRP D 159 -11.78 14.09 -21.00
N VAL D 160 -11.14 14.81 -21.93
CA VAL D 160 -11.25 16.27 -22.03
C VAL D 160 -12.06 16.69 -23.25
N ALA D 161 -11.65 16.26 -24.44
CA ALA D 161 -12.31 16.75 -25.66
C ALA D 161 -11.97 15.83 -26.82
N SER D 162 -12.85 15.84 -27.83
CA SER D 162 -12.62 15.09 -29.05
C SER D 162 -12.97 15.96 -30.25
N ILE D 163 -12.32 15.70 -31.39
CA ILE D 163 -12.64 16.34 -32.65
C ILE D 163 -12.80 15.28 -33.74
N SER D 164 -13.81 15.45 -34.58
CA SER D 164 -14.20 14.48 -35.59
C SER D 164 -13.38 14.65 -36.87
N PRO D 165 -13.22 13.57 -37.63
CA PRO D 165 -12.57 13.69 -38.94
C PRO D 165 -13.46 14.39 -39.95
N TYR D 166 -12.80 15.05 -40.90
CA TYR D 166 -13.35 15.63 -42.13
C TYR D 166 -14.31 16.79 -41.91
N TYR D 167 -14.89 16.88 -40.71
CA TYR D 167 -15.88 17.91 -40.45
C TYR D 167 -15.57 18.71 -39.20
N SER D 168 -14.59 18.28 -38.42
CA SER D 168 -14.11 19.05 -37.27
C SER D 168 -15.21 19.37 -36.26
N TYR D 169 -16.19 18.48 -36.14
CA TYR D 169 -17.14 18.56 -35.05
C TYR D 169 -16.45 18.30 -33.73
N THR D 170 -16.86 19.04 -32.70
CA THR D 170 -16.17 19.01 -31.41
C THR D 170 -17.08 18.53 -30.29
N TYR D 171 -16.46 17.90 -29.29
CA TYR D 171 -17.13 17.30 -28.15
C TYR D 171 -16.27 17.57 -26.92
N TYR D 172 -16.93 17.94 -25.80
CA TYR D 172 -16.22 18.41 -24.62
C TYR D 172 -16.77 17.76 -23.36
N ALA D 173 -15.87 17.52 -22.39
CA ALA D 173 -16.32 17.12 -21.07
C ALA D 173 -16.97 18.31 -20.36
N ASP D 174 -17.94 18.01 -19.48
CA ASP D 174 -18.64 19.10 -18.81
C ASP D 174 -17.69 20.00 -18.04
N SER D 175 -16.61 19.43 -17.49
CA SER D 175 -15.70 20.19 -16.65
C SER D 175 -14.91 21.25 -17.40
N VAL D 176 -14.88 21.23 -18.73
CA VAL D 176 -14.10 22.18 -19.53
C VAL D 176 -14.97 22.99 -20.50
N LYS D 177 -16.26 22.73 -20.54
CA LYS D 177 -17.18 23.45 -21.41
C LYS D 177 -17.08 24.97 -21.20
N GLY D 178 -16.98 25.69 -22.32
CA GLY D 178 -16.91 27.14 -22.29
C GLY D 178 -15.54 27.71 -21.95
N ARG D 179 -14.53 26.86 -21.76
CA ARG D 179 -13.18 27.27 -21.39
C ARG D 179 -12.10 26.74 -22.33
N PHE D 180 -12.25 25.49 -22.81
CA PHE D 180 -11.29 24.83 -23.68
C PHE D 180 -11.88 24.70 -25.08
N THR D 181 -11.00 24.76 -26.09
CA THR D 181 -11.41 24.53 -27.47
C THR D 181 -10.42 23.60 -28.13
N ILE D 182 -10.93 22.56 -28.75
CA ILE D 182 -10.13 21.61 -29.51
C ILE D 182 -10.27 21.99 -30.97
N SER D 183 -9.18 21.85 -31.72
CA SER D 183 -9.19 22.15 -33.13
C SER D 183 -8.05 21.37 -33.77
N ALA D 184 -8.01 21.43 -35.09
CA ALA D 184 -6.96 20.69 -35.78
C ALA D 184 -6.61 21.40 -37.08
N ASP D 185 -5.32 21.44 -37.37
CA ASP D 185 -4.79 21.93 -38.64
C ASP D 185 -4.44 20.68 -39.45
N THR D 186 -5.31 20.29 -40.37
CA THR D 186 -5.09 19.05 -41.10
C THR D 186 -3.96 19.16 -42.10
N SER D 187 -3.72 20.36 -42.66
CA SER D 187 -2.60 20.49 -43.58
C SER D 187 -1.26 20.36 -42.87
N LYS D 188 -1.21 20.60 -41.56
CA LYS D 188 0.00 20.42 -40.78
C LYS D 188 -0.04 19.20 -39.87
N ASN D 189 -1.13 18.43 -39.91
CA ASN D 189 -1.22 17.16 -39.18
C ASN D 189 -1.00 17.36 -37.69
N THR D 190 -1.60 18.43 -37.15
CA THR D 190 -1.44 18.83 -35.76
C THR D 190 -2.82 19.11 -35.19
N ALA D 191 -3.09 18.59 -33.99
CA ALA D 191 -4.26 18.95 -33.19
C ALA D 191 -3.84 19.92 -32.08
N TYR D 192 -4.82 20.68 -31.59
CA TYR D 192 -4.56 21.72 -30.60
C TYR D 192 -5.62 21.68 -29.52
N LEU D 193 -5.25 22.13 -28.33
CA LEU D 193 -6.21 22.33 -27.25
C LEU D 193 -5.97 23.74 -26.70
N GLN D 194 -6.85 24.67 -27.04
CA GLN D 194 -6.76 26.02 -26.48
C GLN D 194 -7.37 25.97 -25.08
N MET D 195 -6.57 26.20 -24.05
CA MET D 195 -7.09 26.12 -22.69
C MET D 195 -7.16 27.51 -22.06
N ASN D 196 -8.37 28.04 -21.88
CA ASN D 196 -8.57 29.36 -21.28
C ASN D 196 -9.13 29.21 -19.87
N SER D 197 -9.11 30.32 -19.13
CA SER D 197 -9.75 30.40 -17.81
C SER D 197 -9.32 29.25 -16.91
N LEU D 198 -8.02 29.00 -16.87
CA LEU D 198 -7.50 27.86 -16.14
C LEU D 198 -7.71 28.00 -14.64
N ARG D 199 -7.89 26.86 -13.99
CA ARG D 199 -8.07 26.80 -12.55
C ARG D 199 -7.19 25.68 -12.01
N ALA D 200 -6.96 25.70 -10.70
CA ALA D 200 -6.00 24.77 -10.09
C ALA D 200 -6.32 23.31 -10.44
N GLU D 201 -7.61 22.97 -10.51
CA GLU D 201 -8.04 21.61 -10.78
C GLU D 201 -7.72 21.14 -12.20
N ASP D 202 -7.35 22.05 -13.12
CA ASP D 202 -6.90 21.67 -14.45
C ASP D 202 -5.47 21.17 -14.47
N THR D 203 -4.78 21.23 -13.33
CA THR D 203 -3.41 20.73 -13.24
C THR D 203 -3.38 19.23 -13.53
N ALA D 204 -2.63 18.85 -14.56
CA ALA D 204 -2.58 17.46 -15.00
C ALA D 204 -1.57 17.32 -16.12
N VAL D 205 -1.17 16.06 -16.36
CA VAL D 205 -0.54 15.69 -17.63
C VAL D 205 -1.65 15.58 -18.65
N TYR D 206 -1.45 16.20 -19.82
CA TYR D 206 -2.40 16.19 -20.92
C TYR D 206 -1.86 15.31 -22.05
N TYR D 207 -2.59 14.25 -22.37
CA TYR D 207 -2.29 13.36 -23.48
C TYR D 207 -3.19 13.66 -24.67
N CYS D 208 -2.63 13.56 -25.86
N CYS D 208 -2.64 13.47 -25.85
CA CYS D 208 -3.48 13.40 -27.03
CA CYS D 208 -3.40 13.42 -27.08
C CYS D 208 -3.45 11.94 -27.45
C CYS D 208 -3.39 11.97 -27.58
N ALA D 209 -4.55 11.50 -28.06
CA ALA D 209 -4.70 10.10 -28.44
C ALA D 209 -5.50 10.01 -29.73
N ARG D 210 -5.16 9.02 -30.54
CA ARG D 210 -5.87 8.73 -31.77
C ARG D 210 -6.97 7.73 -31.52
N HIS D 211 -8.12 7.96 -32.15
CA HIS D 211 -9.24 7.03 -32.10
C HIS D 211 -8.97 5.82 -32.97
N GLY D 212 -9.38 4.66 -32.49
CA GLY D 212 -9.36 3.47 -33.31
C GLY D 212 -10.07 2.32 -32.61
N TYR D 213 -10.94 1.60 -33.34
CA TYR D 213 -11.64 0.45 -32.79
C TYR D 213 -12.60 0.83 -31.67
N GLY D 214 -13.17 2.03 -31.74
CA GLY D 214 -13.99 2.51 -30.64
C GLY D 214 -13.22 2.80 -29.38
N ALA D 215 -11.92 3.02 -29.49
CA ALA D 215 -11.02 3.14 -28.34
C ALA D 215 -9.91 4.10 -28.75
N MET D 216 -8.84 4.16 -27.96
CA MET D 216 -7.69 5.02 -28.26
C MET D 216 -6.44 4.16 -28.37
N ASP D 217 -6.00 3.93 -29.60
CA ASP D 217 -4.96 2.92 -29.79
C ASP D 217 -3.55 3.49 -29.71
N TYR D 218 -3.36 4.78 -29.98
CA TYR D 218 -2.06 5.42 -29.91
C TYR D 218 -2.15 6.68 -29.07
N TRP D 219 -1.23 6.83 -28.12
CA TRP D 219 -1.17 8.00 -27.28
C TRP D 219 0.21 8.64 -27.36
N GLY D 220 0.24 9.96 -27.18
CA GLY D 220 1.49 10.67 -27.02
C GLY D 220 2.05 10.51 -25.63
N GLN D 221 3.23 11.06 -25.41
CA GLN D 221 3.84 10.93 -24.09
C GLN D 221 3.28 11.90 -23.06
N GLY D 222 2.49 12.90 -23.47
CA GLY D 222 1.87 13.82 -22.54
C GLY D 222 2.68 15.10 -22.35
N THR D 223 1.98 16.17 -21.95
CA THR D 223 2.63 17.43 -21.60
C THR D 223 2.03 17.91 -20.28
N LEU D 224 2.88 18.37 -19.34
CA LEU D 224 2.43 18.72 -18.00
C LEU D 224 1.94 20.17 -17.93
N VAL D 225 0.74 20.35 -17.40
CA VAL D 225 0.15 21.67 -17.15
C VAL D 225 -0.03 21.83 -15.64
N THR D 226 0.50 22.93 -15.10
CA THR D 226 0.35 23.25 -13.69
C THR D 226 -0.29 24.62 -13.55
N VAL D 227 -1.35 24.70 -12.74
CA VAL D 227 -2.04 25.95 -12.44
C VAL D 227 -1.93 26.16 -10.94
N SER D 228 -1.27 27.23 -10.53
CA SER D 228 -1.34 27.64 -9.12
C SER D 228 -1.10 29.12 -9.02
N SER D 229 -1.58 29.68 -7.91
CA SER D 229 -1.41 31.09 -7.60
C SER D 229 -0.05 31.32 -6.95
C3' NHE E . -7.35 -34.11 11.84
C2' NHE E . -8.80 -33.99 11.36
C1' NHE E . -8.90 -34.05 9.84
C6' NHE E . -7.78 -34.93 9.28
N NHE E . -10.23 -34.44 9.35
C1 NHE E . -10.53 -34.01 7.98
C2 NHE E . -11.91 -33.40 7.90
S NHE E . -13.20 -34.45 8.51
O1 NHE E . -14.02 -33.64 9.39
O2 NHE E . -13.91 -34.98 7.36
O3 NHE E . -12.53 -35.53 9.27
C5' NHE E . -6.42 -34.28 9.49
C4' NHE E . -6.37 -33.53 10.83
CL CL F . 5.20 25.08 21.36
C3' NHE G . -7.98 24.95 22.07
C2' NHE G . -9.47 25.11 22.30
C1' NHE G . -10.17 25.65 21.06
C6' NHE G . -9.88 24.78 19.85
N NHE G . -11.61 25.57 21.36
C1 NHE G . -12.47 26.36 20.47
C2 NHE G . -13.76 26.72 21.20
S NHE G . -15.15 25.71 20.77
O1 NHE G . -15.33 25.83 19.34
O2 NHE G . -14.86 24.37 21.23
O3 NHE G . -16.29 26.29 21.51
C5' NHE G . -8.37 24.59 19.65
C4' NHE G . -7.72 24.05 20.88
S SO4 H . -15.47 8.88 37.94
O1 SO4 H . -16.15 7.60 38.10
O2 SO4 H . -16.26 9.87 38.68
O3 SO4 H . -14.10 8.88 38.46
O4 SO4 H . -15.43 9.16 36.49
NA NA I . 10.10 -30.12 13.51
C3' NHE J . -18.15 10.22 -28.24
C2' NHE J . -17.51 9.23 -29.21
C1' NHE J . -17.11 9.93 -30.49
C6' NHE J . -16.13 11.06 -30.18
N NHE J . -16.65 8.94 -31.48
C1 NHE J . -17.49 7.75 -31.59
C2 NHE J . -17.11 7.00 -32.86
S NHE J . -16.94 5.25 -32.65
O1 NHE J . -18.19 4.65 -33.06
O2 NHE J . -15.80 4.84 -33.43
O3 NHE J . -16.71 5.04 -31.20
C5' NHE J . -16.77 12.06 -29.22
C4' NHE J . -17.22 11.39 -27.93
CL CL K . 28.21 16.42 2.24
CL CL K . 28.97 18.68 1.88
CL CL L . 15.47 12.17 11.29
C3' NHE M . 31.20 -0.69 -1.35
C3' NHE M . 31.33 -1.20 -1.46
C2' NHE M . 31.55 -2.13 -0.98
C2' NHE M . 31.89 -2.50 -2.03
C1' NHE M . 32.97 -2.46 -1.40
C1' NHE M . 33.32 -2.31 -2.49
C6' NHE M . 33.95 -1.50 -0.77
C6' NHE M . 34.19 -1.83 -1.36
N NHE M . 33.23 -3.90 -1.19
N NHE M . 33.87 -3.51 -3.17
C1 NHE M . 32.18 -4.79 -1.70
C1 NHE M . 32.91 -4.26 -3.98
C2 NHE M . 32.55 -6.25 -1.48
C2 NHE M . 33.49 -4.61 -5.34
S NHE M . 33.64 -6.91 -2.71
S NHE M . 34.71 -5.88 -5.33
O1 NHE M . 33.85 -8.31 -2.38
O1 NHE M . 35.96 -5.27 -4.94
O2 NHE M . 33.01 -6.69 -3.99
O2 NHE M . 34.24 -6.91 -4.43
O3 NHE M . 34.89 -6.13 -2.58
O3 NHE M . 34.76 -6.40 -6.71
C5' NHE M . 33.61 -0.06 -1.15
C5' NHE M . 33.65 -0.52 -0.77
C4' NHE M . 32.19 0.29 -0.75
C4' NHE M . 32.19 -0.68 -0.33
CL CL N . 29.18 -14.57 -20.14
CL CL O . 19.25 -12.51 -27.53
CL CL P . -11.22 7.22 -36.08
CL CL Q . 34.96 7.64 -23.74
NA NA R . -2.60 31.11 -25.20
#